data_8CMR
#
_entry.id   8CMR
#
_cell.length_a   154.618
_cell.length_b   154.618
_cell.length_c   81.972
_cell.angle_alpha   90.000
_cell.angle_beta   90.000
_cell.angle_gamma   120.000
#
_symmetry.space_group_name_H-M   'P 61'
#
loop_
_entity.id
_entity.type
_entity.pdbx_description
1 polymer 'OTU domain-containing protein'
2 polymer Polyubiquitin-B
3 water water
#
loop_
_entity_poly.entity_id
_entity_poly.type
_entity_poly.pdbx_seq_one_letter_code
_entity_poly.pdbx_strand_id
1 'polypeptide(L)'
;MSLPVKERPDAIYTFEGKTYENTSFSKTGIPIVGQPLKMEAYVHKEYTHVTSLEGKRFKSQLEEAAKIYGEQLHEIQGDG
NALTTAFATSFLYLLNGNATLIATFDNILIGLDAHKNIPPVRQTIEKLKVKNDLELKQILASNETMFAFSSVIRHLARQK
LPELGEPFSLLIDEMVPEEDGKEIEIACIGGLCQLLNICADVIYLRKDYDTFKIERYPNETGKPDLVILRKAAHFLSIIL
DSKKSIEERTNELGKDRISSPADVPPMTQSVTQESFSRKWLFALLALAILGALYYFFNKN
;
A,C
2 'polypeptide(L)'
;MQIFVKTLTGKTITLEVEPSDTIENVKAKIQDKEGIPPDQQRLIFAGKQLEDGRTLSDYNIQKESTLHLVLRLRGGMQIF
VKTLTGKTITLEVEPSDTIENVKAKIQDKEGIPPDQQRLIFAGKQLEDGRTLSDYNIQKESTLHLVLRLRGG
;
B,D
#
# COMPACT_ATOMS: atom_id res chain seq x y z
N SER A 2 22.85 28.68 15.93
CA SER A 2 22.23 28.62 14.60
C SER A 2 22.09 27.17 14.15
N LEU A 3 23.01 26.70 13.31
CA LEU A 3 23.00 25.32 12.84
C LEU A 3 24.42 24.94 12.45
N PRO A 4 24.78 23.66 12.57
CA PRO A 4 26.19 23.27 12.34
C PRO A 4 26.66 23.65 10.94
N VAL A 5 27.98 23.83 10.82
CA VAL A 5 28.55 24.28 9.55
C VAL A 5 28.28 23.27 8.44
N LYS A 6 28.44 21.98 8.74
CA LYS A 6 28.32 20.95 7.70
C LYS A 6 26.90 20.82 7.18
N GLU A 7 25.90 21.33 7.91
CA GLU A 7 24.52 21.23 7.47
C GLU A 7 24.09 22.42 6.62
N ARG A 8 24.82 23.53 6.66
CA ARG A 8 24.36 24.74 6.03
C ARG A 8 24.40 24.60 4.51
N PRO A 9 23.47 25.23 3.80
CA PRO A 9 23.57 25.28 2.33
C PRO A 9 24.91 25.86 1.90
N ASP A 10 25.41 25.36 0.77
CA ASP A 10 26.66 25.78 0.16
C ASP A 10 27.90 25.34 0.92
N ALA A 11 27.74 24.62 2.04
CA ALA A 11 28.90 24.20 2.81
C ALA A 11 29.67 23.09 2.10
N ILE A 12 30.99 23.10 2.28
CA ILE A 12 31.88 22.10 1.71
C ILE A 12 32.54 21.35 2.85
N TYR A 13 32.54 20.03 2.77
CA TYR A 13 33.16 19.19 3.80
C TYR A 13 33.70 17.94 3.15
N THR A 14 34.41 17.13 3.95
CA THR A 14 35.04 15.90 3.49
C THR A 14 34.41 14.71 4.19
N PHE A 15 34.23 13.62 3.44
CA PHE A 15 33.65 12.39 3.98
C PHE A 15 34.33 11.21 3.29
N GLU A 16 35.09 10.43 4.06
CA GLU A 16 35.77 9.25 3.56
C GLU A 16 36.64 9.57 2.34
N GLY A 17 37.48 10.59 2.50
CA GLY A 17 38.47 10.92 1.50
C GLY A 17 37.95 11.60 0.25
N LYS A 18 36.71 12.06 0.24
CA LYS A 18 36.15 12.77 -0.90
C LYS A 18 35.46 14.04 -0.42
N THR A 19 35.45 15.05 -1.28
CA THR A 19 34.86 16.34 -0.97
C THR A 19 33.43 16.40 -1.46
N TYR A 20 32.56 17.01 -0.66
CA TYR A 20 31.14 17.16 -0.99
C TYR A 20 30.72 18.59 -0.73
N GLU A 21 29.81 19.08 -1.57
CA GLU A 21 29.37 20.47 -1.55
C GLU A 21 27.85 20.52 -1.49
N ASN A 22 27.31 20.91 -0.34
CA ASN A 22 25.88 21.17 -0.26
C ASN A 22 25.52 22.28 -1.24
N THR A 23 24.33 22.18 -1.80
CA THR A 23 23.84 23.19 -2.74
C THR A 23 22.87 24.11 -2.01
N SER A 24 22.15 24.93 -2.78
CA SER A 24 21.22 25.89 -2.20
C SER A 24 20.29 26.38 -3.30
N PHE A 25 19.23 27.08 -2.91
CA PHE A 25 18.30 27.62 -3.89
C PHE A 25 18.95 28.68 -4.76
N SER A 26 19.85 29.48 -4.20
CA SER A 26 20.51 30.53 -4.98
C SER A 26 21.51 29.93 -5.97
N LYS A 27 22.21 28.88 -5.58
CA LYS A 27 23.18 28.25 -6.47
C LYS A 27 22.51 27.44 -7.57
N THR A 28 21.43 26.73 -7.23
CA THR A 28 20.71 25.97 -8.24
C THR A 28 19.90 26.84 -9.19
N GLY A 29 19.68 28.11 -8.84
CA GLY A 29 18.94 29.01 -9.69
C GLY A 29 17.45 28.79 -9.77
N ILE A 30 16.89 27.99 -8.86
CA ILE A 30 15.46 27.71 -8.86
C ILE A 30 14.70 29.00 -8.57
N PRO A 31 13.81 29.45 -9.45
CA PRO A 31 13.09 30.69 -9.20
C PRO A 31 12.04 30.51 -8.11
N ILE A 32 11.64 31.64 -7.51
CA ILE A 32 10.56 31.61 -6.53
C ILE A 32 9.30 31.04 -7.18
N VAL A 33 9.01 31.46 -8.40
CA VAL A 33 7.88 30.94 -9.17
C VAL A 33 8.41 30.55 -10.55
N GLY A 34 8.28 29.27 -10.88
CA GLY A 34 8.79 28.78 -12.15
C GLY A 34 7.95 29.24 -13.33
N GLN A 35 8.46 28.95 -14.52
CA GLN A 35 7.75 29.24 -15.75
C GLN A 35 6.62 28.25 -15.96
N PRO A 36 5.59 28.64 -16.72
CA PRO A 36 4.50 27.70 -17.01
C PRO A 36 5.03 26.37 -17.53
N LEU A 37 4.50 25.28 -16.97
CA LEU A 37 5.02 23.95 -17.22
C LEU A 37 3.85 22.98 -17.38
N LYS A 38 3.83 22.24 -18.49
CA LYS A 38 2.79 21.25 -18.71
C LYS A 38 2.87 20.17 -17.63
N MET A 39 1.71 19.67 -17.20
CA MET A 39 1.69 18.66 -16.15
C MET A 39 2.44 17.41 -16.58
N GLU A 40 2.26 16.97 -17.83
CA GLU A 40 2.97 15.79 -18.30
C GLU A 40 4.48 16.00 -18.26
N ALA A 41 4.93 17.24 -18.46
CA ALA A 41 6.36 17.52 -18.31
C ALA A 41 6.77 17.46 -16.84
N TYR A 42 5.93 17.98 -15.95
CA TYR A 42 6.22 17.88 -14.52
C TYR A 42 6.26 16.43 -14.06
N VAL A 43 5.30 15.62 -14.54
CA VAL A 43 5.27 14.21 -14.16
C VAL A 43 6.50 13.49 -14.70
N HIS A 44 6.92 13.82 -15.92
CA HIS A 44 8.14 13.23 -16.46
C HIS A 44 9.36 13.61 -15.64
N LYS A 45 9.37 14.83 -15.08
CA LYS A 45 10.48 15.25 -14.25
C LYS A 45 10.52 14.47 -12.94
N GLU A 46 9.37 14.29 -12.31
CA GLU A 46 9.31 13.77 -10.95
C GLU A 46 9.13 12.27 -10.86
N TYR A 47 8.58 11.63 -11.88
CA TYR A 47 8.16 10.23 -11.77
C TYR A 47 8.48 9.48 -13.05
N THR A 48 9.69 9.68 -13.59
CA THR A 48 10.07 9.01 -14.83
C THR A 48 10.40 7.54 -14.61
N HIS A 49 10.81 7.17 -13.40
CA HIS A 49 11.12 5.79 -13.05
C HIS A 49 10.25 5.31 -11.91
N VAL A 50 9.00 5.78 -11.84
CA VAL A 50 8.18 5.53 -10.67
C VAL A 50 7.92 4.04 -10.54
N THR A 51 8.09 3.54 -9.31
CA THR A 51 7.80 2.15 -8.95
C THR A 51 7.02 2.01 -7.64
N SER A 52 7.19 2.91 -6.68
CA SER A 52 6.56 2.77 -5.37
C SER A 52 5.07 3.08 -5.45
N LEU A 53 4.32 2.53 -4.50
CA LEU A 53 2.89 2.78 -4.44
C LEU A 53 2.61 4.26 -4.19
N GLU A 54 3.42 4.91 -3.35
CA GLU A 54 3.20 6.32 -3.05
C GLU A 54 3.38 7.17 -4.30
N GLY A 55 4.41 6.87 -5.10
CA GLY A 55 4.67 7.67 -6.27
C GLY A 55 3.66 7.44 -7.38
N LYS A 56 3.26 6.19 -7.59
CA LYS A 56 2.26 5.91 -8.62
C LYS A 56 0.93 6.57 -8.28
N ARG A 57 0.58 6.64 -7.00
CA ARG A 57 -0.63 7.33 -6.60
C ARG A 57 -0.50 8.83 -6.83
N PHE A 58 0.62 9.42 -6.43
CA PHE A 58 0.85 10.84 -6.71
C PHE A 58 0.83 11.12 -8.21
N LYS A 59 1.41 10.21 -9.01
CA LYS A 59 1.45 10.41 -10.45
C LYS A 59 0.05 10.41 -11.05
N SER A 60 -0.77 9.42 -10.67
CA SER A 60 -2.11 9.33 -11.24
C SER A 60 -2.99 10.46 -10.72
N GLN A 61 -2.81 10.89 -9.47
CA GLN A 61 -3.58 11.99 -8.95
C GLN A 61 -3.17 13.32 -9.59
N LEU A 62 -1.89 13.48 -9.91
CA LEU A 62 -1.46 14.68 -10.62
C LEU A 62 -2.08 14.75 -12.01
N GLU A 63 -2.14 13.61 -12.71
CA GLU A 63 -2.69 13.61 -14.06
C GLU A 63 -4.20 13.83 -14.05
N GLU A 64 -4.90 13.34 -13.04
CA GLU A 64 -6.32 13.62 -12.92
C GLU A 64 -6.56 15.09 -12.61
N ALA A 65 -5.71 15.69 -11.78
CA ALA A 65 -5.86 17.10 -11.45
C ALA A 65 -5.75 17.97 -12.70
N ALA A 66 -4.81 17.64 -13.59
CA ALA A 66 -4.67 18.41 -14.83
C ALA A 66 -5.90 18.24 -15.73
N LYS A 67 -6.46 17.03 -15.77
CA LYS A 67 -7.66 16.81 -16.58
C LYS A 67 -8.81 17.71 -16.13
N ILE A 68 -8.91 17.95 -14.83
CA ILE A 68 -10.07 18.66 -14.29
C ILE A 68 -9.87 20.17 -14.34
N TYR A 69 -8.68 20.66 -14.01
CA TYR A 69 -8.45 22.07 -13.77
C TYR A 69 -7.62 22.78 -14.84
N GLY A 70 -6.60 22.12 -15.39
CA GLY A 70 -5.76 22.77 -16.37
C GLY A 70 -4.48 22.01 -16.68
N GLU A 71 -3.96 22.19 -17.89
CA GLU A 71 -2.82 21.41 -18.36
C GLU A 71 -1.47 21.94 -17.85
N GLN A 72 -1.43 23.16 -17.33
CA GLN A 72 -0.17 23.77 -16.94
C GLN A 72 -0.18 24.16 -15.47
N LEU A 73 1.01 24.31 -14.91
CA LEU A 73 1.18 24.68 -13.51
C LEU A 73 2.44 25.51 -13.36
N HIS A 74 2.59 26.12 -12.18
CA HIS A 74 3.78 26.85 -11.79
C HIS A 74 4.46 26.10 -10.65
N GLU A 75 5.72 25.72 -10.85
CA GLU A 75 6.53 25.24 -9.74
C GLU A 75 6.79 26.38 -8.77
N ILE A 76 6.91 26.04 -7.49
CA ILE A 76 7.10 27.02 -6.42
C ILE A 76 8.31 26.61 -5.61
N GLN A 77 9.20 27.56 -5.34
CA GLN A 77 10.39 27.27 -4.55
C GLN A 77 9.99 26.88 -3.13
N GLY A 78 10.61 25.82 -2.62
CA GLY A 78 10.31 25.34 -1.29
C GLY A 78 11.13 26.03 -0.21
N ASP A 79 11.07 27.36 -0.17
CA ASP A 79 11.78 28.13 0.84
C ASP A 79 11.02 28.22 2.16
N GLY A 80 9.94 27.44 2.32
CA GLY A 80 9.11 27.52 3.50
C GLY A 80 7.91 28.44 3.38
N ASN A 81 7.82 29.21 2.31
CA ASN A 81 6.71 30.13 2.08
C ASN A 81 5.83 29.69 0.92
N ALA A 82 5.92 28.42 0.51
CA ALA A 82 5.27 27.98 -0.71
C ALA A 82 3.76 28.17 -0.65
N LEU A 83 3.15 28.05 0.53
CA LEU A 83 1.70 28.22 0.63
C LEU A 83 1.30 29.63 0.20
N THR A 84 1.95 30.66 0.77
CA THR A 84 1.61 32.03 0.40
C THR A 84 2.14 32.39 -0.99
N THR A 85 3.22 31.73 -1.44
CA THR A 85 3.72 32.00 -2.78
C THR A 85 2.81 31.39 -3.85
N ALA A 86 2.33 30.16 -3.61
CA ALA A 86 1.39 29.55 -4.53
C ALA A 86 0.07 30.31 -4.53
N PHE A 87 -0.38 30.76 -3.36
CA PHE A 87 -1.60 31.55 -3.29
C PHE A 87 -1.43 32.85 -4.07
N ALA A 88 -0.33 33.56 -3.85
CA ALA A 88 -0.08 34.81 -4.57
C ALA A 88 -0.07 34.57 -6.08
N THR A 89 0.53 33.47 -6.52
CA THR A 89 0.58 33.18 -7.95
C THR A 89 -0.82 33.01 -8.53
N SER A 90 -1.62 32.14 -7.91
CA SER A 90 -2.99 31.94 -8.39
C SER A 90 -3.81 33.21 -8.24
N PHE A 91 -3.58 33.96 -7.15
CA PHE A 91 -4.31 35.19 -6.92
C PHE A 91 -4.00 36.24 -7.97
N LEU A 92 -2.74 36.30 -8.43
CA LEU A 92 -2.36 37.30 -9.42
C LEU A 92 -3.05 37.04 -10.76
N TYR A 93 -3.23 35.77 -11.14
CA TYR A 93 -3.99 35.47 -12.34
C TYR A 93 -5.41 36.01 -12.24
N LEU A 94 -6.00 35.93 -11.05
CA LEU A 94 -7.35 36.44 -10.85
C LEU A 94 -7.37 37.97 -10.82
N LEU A 95 -6.32 38.59 -10.29
CA LEU A 95 -6.25 40.05 -10.24
C LEU A 95 -6.06 40.66 -11.62
N ASN A 96 -5.52 39.90 -12.58
CA ASN A 96 -5.21 40.44 -13.90
C ASN A 96 -6.46 40.93 -14.61
N GLY A 97 -6.59 42.23 -14.76
CA GLY A 97 -7.74 42.81 -15.42
C GLY A 97 -8.97 42.95 -14.56
N ASN A 98 -8.85 42.72 -13.25
CA ASN A 98 -9.98 42.77 -12.32
C ASN A 98 -9.80 43.98 -11.42
N ALA A 99 -10.28 45.14 -11.89
CA ALA A 99 -10.12 46.37 -11.12
C ALA A 99 -10.86 46.31 -9.79
N THR A 100 -12.01 45.62 -9.76
CA THR A 100 -12.78 45.54 -8.53
C THR A 100 -12.03 44.74 -7.46
N LEU A 101 -11.41 43.63 -7.85
CA LEU A 101 -10.69 42.83 -6.88
C LEU A 101 -9.38 43.49 -6.46
N ILE A 102 -8.73 44.21 -7.37
CA ILE A 102 -7.52 44.94 -7.03
C ILE A 102 -7.82 45.99 -5.96
N ALA A 103 -8.96 46.67 -6.08
CA ALA A 103 -9.32 47.68 -5.08
C ALA A 103 -9.60 47.04 -3.73
N THR A 104 -10.33 45.92 -3.72
CA THR A 104 -10.58 45.21 -2.47
C THR A 104 -9.29 44.78 -1.81
N PHE A 105 -8.34 44.27 -2.60
CA PHE A 105 -7.04 43.85 -2.05
C PHE A 105 -6.23 45.06 -1.60
N ASP A 106 -6.23 46.13 -2.39
CA ASP A 106 -5.49 47.33 -2.01
C ASP A 106 -6.03 47.93 -0.73
N ASN A 107 -7.35 47.88 -0.53
CA ASN A 107 -7.95 48.44 0.68
C ASN A 107 -7.50 47.67 1.92
N ILE A 108 -7.33 46.35 1.79
CA ILE A 108 -6.82 45.58 2.92
C ILE A 108 -5.37 45.95 3.20
N LEU A 109 -4.56 46.12 2.16
CA LEU A 109 -3.15 46.43 2.36
C LEU A 109 -2.95 47.75 3.08
N ILE A 110 -3.78 48.75 2.77
CA ILE A 110 -3.64 50.05 3.40
C ILE A 110 -3.79 49.92 4.92
N GLY A 111 -4.67 49.04 5.37
CA GLY A 111 -4.94 48.90 6.79
C GLY A 111 -3.94 48.05 7.56
N LEU A 112 -3.06 47.35 6.87
CA LEU A 112 -2.12 46.46 7.55
C LEU A 112 -1.01 47.26 8.23
N ASP A 113 -0.46 46.69 9.29
CA ASP A 113 0.68 47.29 9.96
C ASP A 113 1.83 47.46 8.98
N ALA A 114 2.73 48.39 9.30
CA ALA A 114 3.83 48.73 8.41
C ALA A 114 4.62 47.49 8.03
N HIS A 115 5.09 47.45 6.79
CA HIS A 115 5.90 46.34 6.27
C HIS A 115 6.56 46.83 5.00
N LYS A 116 7.86 46.55 4.86
CA LYS A 116 8.61 47.13 3.74
C LYS A 116 8.09 46.63 2.39
N ASN A 117 7.48 45.45 2.36
CA ASN A 117 7.08 44.83 1.11
C ASN A 117 5.66 45.18 0.70
N ILE A 118 4.97 46.02 1.46
CA ILE A 118 3.60 46.40 1.13
C ILE A 118 3.62 47.40 -0.03
N PRO A 119 4.46 48.43 0.01
CA PRO A 119 4.49 49.41 -1.09
C PRO A 119 4.74 48.74 -2.43
N PRO A 120 5.77 47.90 -2.57
CA PRO A 120 5.99 47.25 -3.87
C PRO A 120 4.83 46.37 -4.31
N VAL A 121 4.13 45.72 -3.38
CA VAL A 121 2.99 44.89 -3.77
C VAL A 121 1.86 45.77 -4.30
N ARG A 122 1.64 46.93 -3.67
CA ARG A 122 0.59 47.82 -4.15
C ARG A 122 0.93 48.40 -5.52
N GLN A 123 2.19 48.78 -5.73
CA GLN A 123 2.60 49.25 -7.06
C GLN A 123 2.43 48.17 -8.11
N THR A 124 2.60 46.89 -7.72
CA THR A 124 2.50 45.81 -8.69
C THR A 124 1.06 45.60 -9.13
N ILE A 125 0.13 45.50 -8.18
CA ILE A 125 -1.26 45.23 -8.55
C ILE A 125 -1.86 46.40 -9.32
N GLU A 126 -1.38 47.62 -9.05
CA GLU A 126 -1.88 48.77 -9.80
C GLU A 126 -1.57 48.63 -11.28
N LYS A 127 -0.50 47.90 -11.63
CA LYS A 127 -0.11 47.67 -13.02
C LYS A 127 -0.96 46.61 -13.70
N LEU A 128 -1.94 46.02 -13.00
CA LEU A 128 -2.77 44.97 -13.58
C LEU A 128 -4.23 45.37 -13.68
N LYS A 129 -4.58 46.64 -13.46
CA LYS A 129 -5.97 47.04 -13.57
C LYS A 129 -6.52 46.75 -14.96
N VAL A 130 -5.74 47.04 -15.99
CA VAL A 130 -6.07 46.62 -17.36
C VAL A 130 -5.36 45.30 -17.63
N LYS A 131 -6.13 44.33 -18.14
CA LYS A 131 -5.58 42.99 -18.40
C LYS A 131 -4.28 43.10 -19.19
N ASN A 132 -3.22 42.51 -18.65
CA ASN A 132 -1.90 42.57 -19.28
C ASN A 132 -1.16 41.28 -18.92
N ASP A 133 -1.29 40.28 -19.80
CA ASP A 133 -0.61 39.01 -19.58
C ASP A 133 0.90 39.16 -19.55
N LEU A 134 1.44 40.10 -20.35
CA LEU A 134 2.88 40.26 -20.38
C LEU A 134 3.41 40.79 -19.05
N GLU A 135 2.70 41.75 -18.45
CA GLU A 135 3.12 42.26 -17.15
C GLU A 135 3.01 41.18 -16.09
N LEU A 136 1.94 40.39 -16.12
CA LEU A 136 1.81 39.28 -15.18
C LEU A 136 2.99 38.32 -15.32
N LYS A 137 3.39 38.01 -16.55
CA LYS A 137 4.52 37.12 -16.77
C LYS A 137 5.79 37.70 -16.14
N GLN A 138 6.01 39.01 -16.31
CA GLN A 138 7.17 39.64 -15.70
C GLN A 138 7.09 39.63 -14.18
N ILE A 139 5.88 39.85 -13.63
CA ILE A 139 5.71 39.83 -12.18
C ILE A 139 6.08 38.46 -11.62
N LEU A 140 5.49 37.39 -12.18
CA LEU A 140 5.74 36.05 -11.68
C LEU A 140 7.18 35.61 -11.87
N ALA A 141 7.90 36.18 -12.85
CA ALA A 141 9.28 35.82 -13.10
C ALA A 141 10.26 36.56 -12.20
N SER A 142 9.80 37.56 -11.45
CA SER A 142 10.66 38.34 -10.57
C SER A 142 10.71 37.67 -9.20
N ASN A 143 11.85 37.06 -8.87
CA ASN A 143 12.00 36.46 -7.55
C ASN A 143 11.80 37.49 -6.46
N GLU A 144 12.27 38.72 -6.69
CA GLU A 144 12.16 39.75 -5.67
C GLU A 144 10.71 40.17 -5.45
N THR A 145 9.94 40.31 -6.55
CA THR A 145 8.54 40.70 -6.42
C THR A 145 7.71 39.62 -5.75
N MET A 146 7.90 38.36 -6.16
CA MET A 146 7.06 37.29 -5.63
C MET A 146 7.40 36.97 -4.18
N PHE A 147 8.67 37.08 -3.78
CA PHE A 147 8.99 36.94 -2.37
C PHE A 147 8.30 38.03 -1.56
N ALA A 148 8.31 39.27 -2.07
CA ALA A 148 7.59 40.35 -1.41
C ALA A 148 6.10 40.05 -1.35
N PHE A 149 5.52 39.59 -2.47
CA PHE A 149 4.11 39.23 -2.48
C PHE A 149 3.81 38.14 -1.48
N SER A 150 4.66 37.11 -1.42
CA SER A 150 4.42 36.00 -0.51
C SER A 150 4.48 36.44 0.95
N SER A 151 5.47 37.26 1.31
CA SER A 151 5.59 37.67 2.70
C SER A 151 4.45 38.59 3.10
N VAL A 152 3.89 39.35 2.15
CA VAL A 152 2.78 40.22 2.48
C VAL A 152 1.52 39.40 2.78
N ILE A 153 1.34 38.29 2.07
CA ILE A 153 0.18 37.44 2.31
C ILE A 153 0.27 36.82 3.71
N ARG A 154 1.46 36.35 4.09
CA ARG A 154 1.64 35.84 5.45
C ARG A 154 1.29 36.91 6.48
N HIS A 155 1.89 38.09 6.33
CA HIS A 155 1.58 39.20 7.23
C HIS A 155 0.09 39.52 7.22
N LEU A 156 -0.52 39.52 6.04
CA LEU A 156 -1.95 39.81 5.95
C LEU A 156 -2.77 38.76 6.68
N ALA A 157 -2.44 37.48 6.49
CA ALA A 157 -3.18 36.41 7.15
C ALA A 157 -3.10 36.53 8.66
N ARG A 158 -1.91 36.82 9.20
CA ARG A 158 -1.75 36.89 10.64
C ARG A 158 -2.54 38.04 11.24
N GLN A 159 -2.72 39.14 10.50
CA GLN A 159 -3.38 40.31 11.04
C GLN A 159 -4.90 40.24 10.89
N LYS A 160 -5.40 39.62 9.83
CA LYS A 160 -6.81 39.69 9.49
C LYS A 160 -7.58 38.40 9.80
N LEU A 161 -6.94 37.23 9.71
CA LEU A 161 -7.67 36.01 9.97
C LEU A 161 -8.24 35.94 11.38
N PRO A 162 -7.52 36.35 12.43
CA PRO A 162 -8.12 36.35 13.78
C PRO A 162 -9.43 37.10 13.85
N GLU A 163 -9.66 38.08 12.96
CA GLU A 163 -10.91 38.83 12.98
C GLU A 163 -12.10 38.00 12.53
N LEU A 164 -11.86 36.88 11.85
CA LEU A 164 -12.96 36.00 11.44
C LEU A 164 -13.55 35.22 12.59
N GLY A 165 -12.92 35.23 13.76
CA GLY A 165 -13.37 34.42 14.87
C GLY A 165 -12.67 33.08 14.89
N GLU A 166 -13.26 32.14 15.62
CA GLU A 166 -12.71 30.81 15.66
C GLU A 166 -12.84 30.13 14.30
N PRO A 167 -11.91 29.24 13.95
CA PRO A 167 -10.76 28.78 14.73
C PRO A 167 -9.54 29.71 14.64
N PHE A 168 -9.58 30.73 13.79
CA PHE A 168 -8.38 31.51 13.50
C PHE A 168 -7.94 32.33 14.71
N SER A 169 -8.89 32.88 15.46
CA SER A 169 -8.54 33.65 16.65
C SER A 169 -7.76 32.80 17.64
N LEU A 170 -8.01 31.50 17.66
CA LEU A 170 -7.39 30.61 18.64
C LEU A 170 -6.08 30.00 18.16
N LEU A 171 -5.91 29.83 16.85
CA LEU A 171 -4.80 29.03 16.32
C LEU A 171 -3.90 29.81 15.37
N ILE A 172 -3.98 31.15 15.34
CA ILE A 172 -3.29 31.90 14.30
C ILE A 172 -1.79 31.67 14.38
N ASP A 173 -1.21 31.72 15.58
CA ASP A 173 0.24 31.58 15.69
C ASP A 173 0.70 30.18 15.31
N GLU A 174 -0.09 29.16 15.67
CA GLU A 174 0.26 27.80 15.27
C GLU A 174 -0.05 27.56 13.80
N MET A 175 -1.05 28.25 13.26
CA MET A 175 -1.49 28.02 11.89
C MET A 175 -0.65 28.81 10.89
N VAL A 176 -0.29 30.04 11.22
CA VAL A 176 0.47 30.91 10.33
C VAL A 176 1.60 31.58 11.12
N PRO A 177 2.77 30.95 11.23
CA PRO A 177 3.85 31.56 12.00
C PRO A 177 4.29 32.89 11.40
N GLU A 178 4.82 33.76 12.25
CA GLU A 178 5.28 35.07 11.79
C GLU A 178 6.59 34.97 11.03
N GLU A 179 7.50 34.11 11.48
CA GLU A 179 8.84 34.06 10.88
C GLU A 179 8.77 33.55 9.45
N ASP A 180 9.52 34.21 8.57
CA ASP A 180 9.61 33.77 7.19
C ASP A 180 10.29 32.40 7.12
N GLY A 181 9.80 31.55 6.21
CA GLY A 181 10.34 30.23 6.05
C GLY A 181 9.70 29.16 6.89
N LYS A 182 8.72 29.50 7.71
CA LYS A 182 8.02 28.53 8.56
C LYS A 182 6.76 28.07 7.86
N GLU A 183 6.56 26.75 7.77
CA GLU A 183 5.45 26.21 7.00
C GLU A 183 4.12 26.66 7.58
N ILE A 184 3.10 26.71 6.72
CA ILE A 184 1.78 27.22 7.07
C ILE A 184 0.76 26.11 6.87
N GLU A 185 -0.27 26.10 7.71
CA GLU A 185 -1.30 25.08 7.64
C GLU A 185 -2.34 25.45 6.59
N ILE A 186 -3.05 24.42 6.11
CA ILE A 186 -3.94 24.59 4.97
C ILE A 186 -5.11 25.51 5.30
N ALA A 187 -5.56 25.51 6.56
CA ALA A 187 -6.68 26.37 6.94
C ALA A 187 -6.42 27.84 6.61
N CYS A 188 -5.16 28.24 6.47
CA CYS A 188 -4.86 29.62 6.11
C CYS A 188 -5.46 29.97 4.75
N ILE A 189 -5.47 29.01 3.82
CA ILE A 189 -6.06 29.27 2.51
C ILE A 189 -7.57 29.49 2.64
N GLY A 190 -8.23 28.70 3.49
CA GLY A 190 -9.66 28.87 3.68
C GLY A 190 -10.01 30.23 4.26
N GLY A 191 -9.22 30.69 5.23
CA GLY A 191 -9.45 32.02 5.78
C GLY A 191 -9.24 33.12 4.76
N LEU A 192 -8.16 33.03 3.98
CA LEU A 192 -7.89 34.05 2.97
C LEU A 192 -9.03 34.11 1.96
N CYS A 193 -9.54 32.96 1.52
CA CYS A 193 -10.68 32.96 0.60
C CYS A 193 -11.87 33.67 1.22
N GLN A 194 -12.10 33.45 2.52
CA GLN A 194 -13.22 34.10 3.19
C GLN A 194 -13.03 35.61 3.22
N LEU A 195 -11.83 36.08 3.57
CA LEU A 195 -11.56 37.51 3.62
C LEU A 195 -11.71 38.14 2.24
N LEU A 196 -11.09 37.54 1.23
CA LEU A 196 -11.06 38.11 -0.11
C LEU A 196 -12.30 37.80 -0.93
N ASN A 197 -13.23 37.00 -0.40
CA ASN A 197 -14.48 36.68 -1.09
C ASN A 197 -14.20 36.01 -2.44
N ILE A 198 -13.30 35.03 -2.43
CA ILE A 198 -13.00 34.21 -3.60
C ILE A 198 -13.12 32.74 -3.20
N CYS A 199 -13.05 31.88 -4.21
CA CYS A 199 -13.18 30.44 -4.01
C CYS A 199 -11.90 29.76 -4.49
N ALA A 200 -11.45 28.76 -3.73
CA ALA A 200 -10.24 28.02 -4.05
C ALA A 200 -10.48 26.54 -3.88
N ASP A 201 -9.88 25.74 -4.78
CA ASP A 201 -9.79 24.30 -4.64
C ASP A 201 -8.36 23.94 -4.29
N VAL A 202 -8.17 23.27 -3.16
CA VAL A 202 -6.87 22.76 -2.74
C VAL A 202 -6.86 21.26 -2.97
N ILE A 203 -5.89 20.80 -3.76
CA ILE A 203 -5.80 19.39 -4.15
C ILE A 203 -4.82 18.71 -3.21
N TYR A 204 -5.37 17.91 -2.29
CA TYR A 204 -4.58 17.17 -1.31
C TYR A 204 -4.18 15.83 -1.93
N LEU A 205 -2.95 15.73 -2.42
CA LEU A 205 -2.44 14.47 -2.93
C LEU A 205 -2.23 13.51 -1.76
N ARG A 206 -2.87 12.34 -1.83
CA ARG A 206 -2.87 11.38 -0.72
C ARG A 206 -2.10 10.13 -1.13
N LYS A 207 -1.10 9.78 -0.31
CA LYS A 207 -0.29 8.59 -0.58
C LYS A 207 -0.95 7.32 -0.06
N ASP A 208 -1.93 7.42 0.83
CA ASP A 208 -2.61 6.27 1.39
C ASP A 208 -3.89 5.92 0.65
N TYR A 209 -4.25 6.67 -0.40
CA TYR A 209 -5.47 6.43 -1.15
C TYR A 209 -5.17 6.58 -2.63
N ASP A 210 -6.00 5.95 -3.46
CA ASP A 210 -5.79 5.98 -4.90
C ASP A 210 -6.19 7.33 -5.49
N THR A 211 -7.13 8.04 -4.87
CA THR A 211 -7.58 9.33 -5.36
C THR A 211 -7.16 10.43 -4.40
N PHE A 212 -7.06 11.65 -4.94
CA PHE A 212 -6.79 12.80 -4.09
C PHE A 212 -8.08 13.21 -3.37
N LYS A 213 -7.96 14.20 -2.49
CA LYS A 213 -9.10 14.78 -1.80
C LYS A 213 -9.10 16.28 -2.06
N ILE A 214 -10.25 16.81 -2.47
CA ILE A 214 -10.39 18.23 -2.78
C ILE A 214 -10.92 18.94 -1.55
N GLU A 215 -10.17 19.93 -1.07
CA GLU A 215 -10.62 20.82 0.00
C GLU A 215 -11.02 22.14 -0.65
N ARG A 216 -12.32 22.41 -0.69
CA ARG A 216 -12.85 23.61 -1.32
C ARG A 216 -13.24 24.62 -0.25
N TYR A 217 -12.86 25.88 -0.47
CA TYR A 217 -13.15 26.95 0.45
C TYR A 217 -13.79 28.11 -0.30
N PRO A 218 -14.72 28.84 0.33
CA PRO A 218 -15.21 28.70 1.71
C PRO A 218 -16.39 27.74 1.83
N ASN A 219 -16.96 27.30 0.71
CA ASN A 219 -18.11 26.42 0.70
C ASN A 219 -17.80 25.17 -0.12
N GLU A 220 -18.27 24.02 0.36
CA GLU A 220 -18.01 22.77 -0.34
C GLU A 220 -18.63 22.75 -1.74
N THR A 221 -19.47 23.72 -2.07
CA THR A 221 -19.91 23.95 -3.44
C THR A 221 -19.38 25.31 -3.91
N GLY A 222 -19.34 25.48 -5.24
CA GLY A 222 -18.86 26.72 -5.81
C GLY A 222 -17.80 26.54 -6.87
N LYS A 223 -17.65 27.53 -7.74
CA LYS A 223 -16.68 27.48 -8.83
C LYS A 223 -15.34 28.01 -8.34
N PRO A 224 -14.25 27.24 -8.47
CA PRO A 224 -12.97 27.72 -7.95
C PRO A 224 -12.37 28.83 -8.81
N ASP A 225 -11.88 29.87 -8.14
CA ASP A 225 -11.07 30.90 -8.78
C ASP A 225 -9.58 30.59 -8.69
N LEU A 226 -9.15 29.94 -7.61
CA LEU A 226 -7.78 29.49 -7.43
C LEU A 226 -7.75 27.97 -7.34
N VAL A 227 -6.67 27.38 -7.85
CA VAL A 227 -6.44 25.94 -7.76
C VAL A 227 -5.01 25.75 -7.27
N ILE A 228 -4.87 25.31 -6.03
CA ILE A 228 -3.56 25.09 -5.41
C ILE A 228 -3.41 23.60 -5.15
N LEU A 229 -2.20 23.09 -5.39
CA LEU A 229 -1.90 21.67 -5.30
C LEU A 229 -0.95 21.44 -4.14
N ARG A 230 -1.30 20.51 -3.26
CA ARG A 230 -0.44 20.12 -2.13
C ARG A 230 0.23 18.81 -2.47
N LYS A 231 1.54 18.86 -2.71
CA LYS A 231 2.36 17.69 -3.01
C LYS A 231 3.27 17.47 -1.80
N ALA A 232 2.84 16.60 -0.90
CA ALA A 232 3.52 16.42 0.39
C ALA A 232 3.47 17.78 1.09
N ALA A 233 4.48 18.09 1.91
CA ALA A 233 4.53 19.37 2.62
C ALA A 233 5.08 20.46 1.70
N HIS A 234 4.37 20.67 0.60
CA HIS A 234 4.76 21.63 -0.43
C HIS A 234 3.54 21.98 -1.26
N PHE A 235 3.54 23.18 -1.83
CA PHE A 235 2.40 23.69 -2.57
C PHE A 235 2.83 24.17 -3.95
N LEU A 236 2.02 23.84 -4.96
CA LEU A 236 2.17 24.32 -6.31
C LEU A 236 0.89 25.04 -6.74
N SER A 237 1.00 25.80 -7.83
CA SER A 237 -0.12 26.59 -8.33
C SER A 237 -0.49 26.09 -9.72
N ILE A 238 -1.76 25.70 -9.89
CA ILE A 238 -2.27 25.21 -11.17
C ILE A 238 -2.78 26.40 -11.96
N ILE A 239 -2.43 26.47 -13.25
CA ILE A 239 -2.91 27.52 -14.14
C ILE A 239 -4.31 27.12 -14.61
N LEU A 240 -5.32 27.85 -14.15
CA LEU A 240 -6.71 27.48 -14.37
C LEU A 240 -7.13 27.77 -15.81
N ASP A 241 -7.59 26.73 -16.49
CA ASP A 241 -8.15 26.86 -17.83
C ASP A 241 -9.65 27.14 -17.76
N SER A 242 -10.15 27.91 -18.72
CA SER A 242 -11.56 28.26 -18.77
C SER A 242 -12.28 27.44 -19.84
N MET B 1 -6.44 -20.87 4.18
CA MET B 1 -7.67 -21.53 4.69
C MET B 1 -8.93 -20.91 4.07
N GLN B 2 -9.95 -21.73 3.86
CA GLN B 2 -11.23 -21.28 3.32
C GLN B 2 -12.26 -21.32 4.44
N ILE B 3 -12.88 -20.18 4.73
CA ILE B 3 -13.83 -20.06 5.82
C ILE B 3 -15.20 -19.69 5.24
N PHE B 4 -16.21 -19.76 6.11
CA PHE B 4 -17.58 -19.39 5.77
C PHE B 4 -17.99 -18.13 6.53
N VAL B 5 -18.83 -17.32 5.89
CA VAL B 5 -19.45 -16.16 6.52
C VAL B 5 -20.93 -16.17 6.18
N LYS B 6 -21.78 -16.03 7.19
CA LYS B 6 -23.23 -16.00 7.01
C LYS B 6 -23.71 -14.59 7.29
N THR B 7 -24.37 -13.99 6.31
CA THR B 7 -24.79 -12.60 6.42
C THR B 7 -26.06 -12.48 7.26
N LEU B 8 -26.50 -11.24 7.48
CA LEU B 8 -27.73 -11.01 8.22
C LEU B 8 -28.93 -11.56 7.47
N THR B 9 -28.84 -11.68 6.15
CA THR B 9 -29.92 -12.20 5.33
C THR B 9 -29.89 -13.72 5.20
N GLY B 10 -28.94 -14.39 5.85
CA GLY B 10 -28.83 -15.84 5.78
C GLY B 10 -27.97 -16.35 4.65
N LYS B 11 -27.50 -15.48 3.76
CA LYS B 11 -26.66 -15.92 2.66
C LYS B 11 -25.30 -16.40 3.18
N THR B 12 -24.80 -17.48 2.58
CA THR B 12 -23.52 -18.06 2.95
C THR B 12 -22.50 -17.78 1.85
N ILE B 13 -21.32 -17.31 2.26
CA ILE B 13 -20.24 -16.97 1.34
C ILE B 13 -18.96 -17.61 1.82
N THR B 14 -18.07 -17.93 0.87
CA THR B 14 -16.74 -18.44 1.18
C THR B 14 -15.71 -17.33 1.00
N LEU B 15 -14.64 -17.40 1.80
CA LEU B 15 -13.54 -16.45 1.71
C LEU B 15 -12.22 -17.22 1.74
N GLU B 16 -11.30 -16.85 0.85
CA GLU B 16 -9.95 -17.38 0.87
C GLU B 16 -9.09 -16.44 1.71
N VAL B 17 -8.76 -16.86 2.93
CA VAL B 17 -8.01 -16.02 3.85
C VAL B 17 -6.74 -16.74 4.27
N GLU B 18 -5.98 -16.12 5.16
CA GLU B 18 -4.78 -16.68 5.74
C GLU B 18 -4.83 -16.51 7.25
N PRO B 19 -4.13 -17.36 8.00
CA PRO B 19 -4.23 -17.29 9.46
C PRO B 19 -3.85 -15.93 10.02
N SER B 20 -2.93 -15.22 9.36
CA SER B 20 -2.42 -13.94 9.87
C SER B 20 -3.34 -12.76 9.56
N ASP B 21 -4.34 -12.94 8.72
CA ASP B 21 -5.23 -11.82 8.39
C ASP B 21 -5.94 -11.32 9.63
N THR B 22 -6.02 -10.00 9.77
CA THR B 22 -6.69 -9.39 10.91
C THR B 22 -8.19 -9.29 10.64
N ILE B 23 -8.95 -9.08 11.72
CA ILE B 23 -10.40 -8.99 11.61
C ILE B 23 -10.80 -7.79 10.75
N GLU B 24 -10.09 -6.67 10.93
CA GLU B 24 -10.33 -5.52 10.06
C GLU B 24 -10.17 -5.91 8.59
N ASN B 25 -9.17 -6.75 8.30
CA ASN B 25 -8.96 -7.19 6.93
C ASN B 25 -10.06 -8.14 6.47
N VAL B 26 -10.62 -8.92 7.39
CA VAL B 26 -11.72 -9.81 7.03
C VAL B 26 -12.94 -9.01 6.59
N LYS B 27 -13.30 -7.98 7.37
CA LYS B 27 -14.42 -7.13 7.00
C LYS B 27 -14.21 -6.48 5.64
N ALA B 28 -12.96 -6.13 5.32
CA ALA B 28 -12.67 -5.55 4.01
C ALA B 28 -12.91 -6.56 2.90
N LYS B 29 -12.58 -7.84 3.15
CA LYS B 29 -12.84 -8.87 2.15
C LYS B 29 -14.34 -9.15 2.03
N ILE B 30 -15.07 -9.06 3.15
CA ILE B 30 -16.52 -9.24 3.08
C ILE B 30 -17.14 -8.13 2.24
N GLN B 31 -16.64 -6.91 2.37
CA GLN B 31 -17.15 -5.81 1.55
C GLN B 31 -16.82 -6.02 0.08
N ASP B 32 -15.58 -6.43 -0.22
CA ASP B 32 -15.19 -6.62 -1.60
C ASP B 32 -16.10 -7.63 -2.30
N LYS B 33 -16.55 -8.65 -1.58
CA LYS B 33 -17.34 -9.72 -2.18
C LYS B 33 -18.84 -9.50 -2.06
N GLU B 34 -19.32 -8.98 -0.93
CA GLU B 34 -20.74 -8.87 -0.67
C GLU B 34 -21.24 -7.44 -0.57
N GLY B 35 -20.37 -6.46 -0.32
CA GLY B 35 -20.73 -5.07 -0.37
C GLY B 35 -21.10 -4.44 0.96
N ILE B 36 -21.21 -5.21 2.03
CA ILE B 36 -21.55 -4.66 3.34
C ILE B 36 -20.41 -3.75 3.79
N PRO B 37 -20.67 -2.48 4.09
CA PRO B 37 -19.61 -1.61 4.60
C PRO B 37 -19.06 -2.14 5.92
N PRO B 38 -17.76 -2.03 6.15
CA PRO B 38 -17.20 -2.57 7.42
C PRO B 38 -17.78 -1.94 8.66
N ASP B 39 -18.22 -0.67 8.59
CA ASP B 39 -18.77 -0.02 9.78
C ASP B 39 -20.10 -0.64 10.21
N GLN B 40 -20.76 -1.38 9.33
CA GLN B 40 -21.99 -2.07 9.67
C GLN B 40 -21.75 -3.50 10.14
N GLN B 41 -20.54 -4.02 9.99
CA GLN B 41 -20.26 -5.43 10.24
C GLN B 41 -19.93 -5.66 11.71
N ARG B 42 -20.64 -6.60 12.33
CA ARG B 42 -20.29 -7.14 13.64
C ARG B 42 -20.18 -8.65 13.48
N LEU B 43 -18.98 -9.18 13.62
CA LEU B 43 -18.71 -10.59 13.38
C LEU B 43 -18.59 -11.34 14.71
N ILE B 44 -19.16 -12.55 14.74
CA ILE B 44 -19.02 -13.44 15.88
C ILE B 44 -18.55 -14.80 15.38
N PHE B 45 -17.92 -15.55 16.28
CA PHE B 45 -17.51 -16.92 15.99
C PHE B 45 -17.55 -17.70 17.30
N ALA B 46 -18.36 -18.77 17.32
CA ALA B 46 -18.53 -19.58 18.53
C ALA B 46 -19.06 -18.75 19.69
N GLY B 47 -19.89 -17.76 19.39
CA GLY B 47 -20.51 -16.94 20.40
C GLY B 47 -19.64 -15.86 21.00
N LYS B 48 -18.51 -15.54 20.39
CA LYS B 48 -17.61 -14.50 20.89
C LYS B 48 -17.43 -13.43 19.83
N GLN B 49 -17.57 -12.17 20.25
CA GLN B 49 -17.38 -11.05 19.33
C GLN B 49 -15.93 -10.94 18.89
N LEU B 50 -15.73 -10.40 17.69
CA LEU B 50 -14.42 -10.22 17.10
C LEU B 50 -14.11 -8.73 16.97
N GLU B 51 -12.98 -8.31 17.52
CA GLU B 51 -12.53 -6.93 17.43
C GLU B 51 -11.59 -6.75 16.25
N ASP B 52 -11.60 -5.54 15.68
CA ASP B 52 -10.85 -5.27 14.46
C ASP B 52 -9.36 -5.52 14.61
N GLY B 53 -8.85 -5.60 15.84
CA GLY B 53 -7.41 -5.69 16.06
C GLY B 53 -6.85 -7.09 16.08
N ARG B 54 -7.67 -8.09 16.40
CA ARG B 54 -7.19 -9.46 16.45
C ARG B 54 -7.08 -10.06 15.05
N THR B 55 -6.59 -11.31 14.99
CA THR B 55 -6.49 -12.08 13.77
C THR B 55 -7.29 -13.37 13.95
N LEU B 56 -7.46 -14.10 12.85
CA LEU B 56 -8.23 -15.34 12.90
C LEU B 56 -7.54 -16.37 13.79
N SER B 57 -6.21 -16.47 13.72
CA SER B 57 -5.50 -17.44 14.53
C SER B 57 -5.73 -17.22 16.02
N ASP B 58 -5.82 -15.96 16.45
CA ASP B 58 -6.05 -15.68 17.87
C ASP B 58 -7.36 -16.28 18.34
N TYR B 59 -8.41 -16.19 17.53
CA TYR B 59 -9.70 -16.82 17.81
C TYR B 59 -9.75 -18.27 17.33
N ASN B 60 -8.59 -18.92 17.22
CA ASN B 60 -8.47 -20.27 16.68
C ASN B 60 -9.50 -20.57 15.60
N ILE B 61 -9.62 -19.67 14.63
CA ILE B 61 -10.44 -19.88 13.45
C ILE B 61 -9.61 -20.62 12.41
N GLN B 62 -10.20 -21.62 11.78
CA GLN B 62 -9.49 -22.47 10.83
C GLN B 62 -10.40 -22.74 9.63
N LYS B 63 -9.97 -23.64 8.77
CA LYS B 63 -10.78 -24.03 7.62
C LYS B 63 -12.14 -24.53 8.09
N GLU B 64 -13.16 -24.25 7.27
CA GLU B 64 -14.54 -24.68 7.48
C GLU B 64 -15.23 -23.94 8.63
N SER B 65 -14.52 -23.07 9.35
CA SER B 65 -15.14 -22.29 10.40
C SER B 65 -16.17 -21.32 9.82
N THR B 66 -17.20 -21.02 10.61
CA THR B 66 -18.29 -20.15 10.18
C THR B 66 -18.34 -18.92 11.06
N LEU B 67 -18.27 -17.75 10.43
CA LEU B 67 -18.48 -16.47 11.10
C LEU B 67 -19.87 -15.94 10.76
N HIS B 68 -20.52 -15.32 11.73
CA HIS B 68 -21.88 -14.83 11.57
C HIS B 68 -21.92 -13.31 11.72
N LEU B 69 -22.54 -12.64 10.77
CA LEU B 69 -22.81 -11.21 10.88
C LEU B 69 -24.07 -10.99 11.71
N VAL B 70 -23.97 -10.14 12.75
CA VAL B 70 -25.05 -9.89 13.67
C VAL B 70 -25.23 -8.38 13.83
N LEU B 71 -26.42 -8.00 14.29
CA LEU B 71 -26.67 -6.61 14.65
C LEU B 71 -25.86 -6.21 15.87
N ARG B 72 -25.57 -4.92 15.98
CA ARG B 72 -24.80 -4.43 17.11
C ARG B 72 -25.64 -4.55 18.38
N GLY B 75 -26.68 1.98 21.48
CA GLY B 75 -26.25 2.47 22.77
C GLY B 75 -25.04 3.36 22.69
N GLY B 76 -24.52 3.55 21.48
CA GLY B 76 -23.44 4.47 21.26
C GLY B 76 -23.91 5.92 21.30
N MET B 77 -23.01 6.80 21.75
CA MET B 77 -23.33 8.21 21.85
C MET B 77 -23.13 8.87 20.49
N GLN B 78 -24.11 9.66 20.06
CA GLN B 78 -24.01 10.37 18.79
C GLN B 78 -23.46 11.77 19.03
N ILE B 79 -22.39 12.11 18.31
CA ILE B 79 -21.81 13.44 18.31
C ILE B 79 -21.62 13.86 16.87
N PHE B 80 -21.30 15.14 16.67
CA PHE B 80 -21.12 15.71 15.35
C PHE B 80 -19.78 16.41 15.27
N VAL B 81 -19.14 16.31 14.10
CA VAL B 81 -17.87 16.97 13.82
C VAL B 81 -18.08 17.85 12.60
N LYS B 82 -17.95 19.16 12.77
CA LYS B 82 -18.17 20.11 11.68
C LYS B 82 -16.82 20.60 11.16
N THR B 83 -16.65 20.55 9.84
CA THR B 83 -15.41 20.99 9.21
C THR B 83 -15.39 22.51 9.11
N LEU B 84 -14.25 23.03 8.64
CA LEU B 84 -14.10 24.48 8.49
C LEU B 84 -15.14 25.05 7.54
N THR B 85 -15.53 24.28 6.52
CA THR B 85 -16.48 24.75 5.51
C THR B 85 -17.94 24.54 5.92
N GLY B 86 -18.20 23.85 7.03
CA GLY B 86 -19.55 23.58 7.47
C GLY B 86 -20.04 22.17 7.24
N LYS B 87 -19.21 21.29 6.67
CA LYS B 87 -19.62 19.90 6.49
C LYS B 87 -19.80 19.24 7.85
N THR B 88 -20.89 18.51 8.01
CA THR B 88 -21.22 17.84 9.26
C THR B 88 -20.94 16.35 9.15
N ILE B 89 -20.12 15.83 10.06
CA ILE B 89 -19.81 14.41 10.15
C ILE B 89 -20.48 13.87 11.41
N THR B 90 -21.08 12.69 11.30
CA THR B 90 -21.79 12.06 12.39
C THR B 90 -21.02 10.83 12.85
N LEU B 91 -20.73 10.77 14.15
CA LEU B 91 -19.93 9.70 14.74
C LEU B 91 -20.71 9.02 15.86
N GLU B 92 -20.38 7.76 16.09
CA GLU B 92 -20.88 7.00 17.23
C GLU B 92 -19.71 6.77 18.18
N VAL B 93 -19.83 7.24 19.41
CA VAL B 93 -18.72 7.22 20.37
C VAL B 93 -19.24 6.80 21.73
N GLU B 94 -18.28 6.49 22.62
CA GLU B 94 -18.53 6.24 24.03
C GLU B 94 -17.81 7.28 24.87
N PRO B 95 -18.32 7.59 26.06
CA PRO B 95 -17.63 8.59 26.91
C PRO B 95 -16.18 8.23 27.22
N SER B 96 -15.82 6.95 27.17
CA SER B 96 -14.45 6.54 27.46
C SER B 96 -13.51 6.66 26.27
N ASP B 97 -14.04 6.84 25.07
CA ASP B 97 -13.19 6.95 23.89
C ASP B 97 -12.24 8.13 24.01
N THR B 98 -10.98 7.91 23.68
CA THR B 98 -10.00 8.98 23.67
C THR B 98 -10.17 9.85 22.42
N ILE B 99 -9.54 11.03 22.45
CA ILE B 99 -9.58 11.91 21.29
C ILE B 99 -8.88 11.25 20.10
N GLU B 100 -7.85 10.44 20.36
CA GLU B 100 -7.21 9.70 19.27
C GLU B 100 -8.20 8.76 18.60
N ASN B 101 -9.05 8.10 19.39
CA ASN B 101 -10.06 7.21 18.81
C ASN B 101 -11.03 7.99 17.92
N VAL B 102 -11.44 9.17 18.37
CA VAL B 102 -12.37 9.98 17.57
C VAL B 102 -11.71 10.39 16.26
N LYS B 103 -10.44 10.77 16.30
CA LYS B 103 -9.73 11.12 15.07
C LYS B 103 -9.59 9.92 14.14
N ALA B 104 -9.48 8.71 14.71
CA ALA B 104 -9.46 7.51 13.88
C ALA B 104 -10.80 7.30 13.19
N LYS B 105 -11.90 7.60 13.89
CA LYS B 105 -13.22 7.51 13.26
C LYS B 105 -13.37 8.55 12.15
N ILE B 106 -12.86 9.75 12.38
CA ILE B 106 -12.89 10.78 11.33
C ILE B 106 -12.11 10.32 10.11
N GLN B 107 -10.96 9.68 10.32
CA GLN B 107 -10.18 9.17 9.21
C GLN B 107 -10.97 8.17 8.37
N ASP B 108 -11.71 7.28 9.04
CA ASP B 108 -12.47 6.25 8.31
C ASP B 108 -13.58 6.86 7.44
N LYS B 109 -14.01 8.08 7.74
CA LYS B 109 -15.08 8.72 7.00
C LYS B 109 -14.59 9.80 6.05
N GLU B 110 -13.42 10.40 6.29
CA GLU B 110 -12.92 11.50 5.50
C GLU B 110 -11.59 11.21 4.81
N GLY B 111 -10.87 10.18 5.20
CA GLY B 111 -9.59 9.89 4.59
C GLY B 111 -8.50 10.87 4.97
N ILE B 112 -8.54 11.38 6.19
CA ILE B 112 -7.54 12.33 6.69
C ILE B 112 -6.81 11.67 7.85
N PRO B 113 -5.48 11.59 7.83
CA PRO B 113 -4.78 10.92 8.92
C PRO B 113 -5.01 11.64 10.23
N PRO B 114 -5.00 10.92 11.35
CA PRO B 114 -5.20 11.59 12.65
C PRO B 114 -4.17 12.68 12.93
N ASP B 115 -2.90 12.45 12.60
CA ASP B 115 -1.87 13.45 12.88
C ASP B 115 -2.02 14.71 12.04
N GLN B 116 -3.01 14.77 11.16
CA GLN B 116 -3.31 15.97 10.38
C GLN B 116 -4.60 16.64 10.81
N GLN B 117 -5.14 16.28 11.98
CA GLN B 117 -6.42 16.79 12.44
C GLN B 117 -6.25 17.56 13.74
N ARG B 118 -6.98 18.68 13.85
CA ARG B 118 -7.16 19.38 15.11
C ARG B 118 -8.65 19.34 15.46
N LEU B 119 -8.95 19.04 16.72
CA LEU B 119 -10.33 19.00 17.22
C LEU B 119 -10.49 20.06 18.29
N ILE B 120 -11.58 20.82 18.21
CA ILE B 120 -11.86 21.92 19.12
C ILE B 120 -13.25 21.72 19.71
N PHE B 121 -13.37 21.93 21.02
CA PHE B 121 -14.67 21.92 21.69
C PHE B 121 -14.64 22.98 22.79
N ALA B 122 -15.67 23.82 22.82
CA ALA B 122 -15.74 24.91 23.79
C ALA B 122 -14.52 25.82 23.70
N GLY B 123 -14.13 26.15 22.46
CA GLY B 123 -12.99 27.02 22.25
C GLY B 123 -11.67 26.48 22.74
N LYS B 124 -11.57 25.17 22.97
CA LYS B 124 -10.37 24.54 23.49
C LYS B 124 -9.91 23.45 22.55
N GLN B 125 -8.60 23.40 22.29
CA GLN B 125 -8.02 22.30 21.55
C GLN B 125 -7.97 21.05 22.42
N LEU B 126 -8.27 19.90 21.81
CA LEU B 126 -8.38 18.64 22.54
C LEU B 126 -7.11 17.82 22.36
N GLU B 127 -6.63 17.24 23.46
CA GLU B 127 -5.43 16.43 23.45
C GLU B 127 -5.75 14.97 23.17
N ASP B 128 -4.84 14.30 22.46
CA ASP B 128 -5.14 12.97 21.93
C ASP B 128 -5.33 11.93 23.04
N GLY B 129 -4.60 12.05 24.14
CA GLY B 129 -4.63 11.03 25.17
C GLY B 129 -5.78 11.12 26.16
N ARG B 130 -6.52 12.23 26.14
CA ARG B 130 -7.63 12.43 27.06
C ARG B 130 -8.92 11.88 26.48
N THR B 131 -9.89 11.64 27.37
CA THR B 131 -11.16 11.04 26.98
C THR B 131 -12.20 12.11 26.68
N LEU B 132 -13.28 11.68 26.02
CA LEU B 132 -14.40 12.58 25.78
C LEU B 132 -15.02 13.04 27.08
N SER B 133 -15.08 12.15 28.08
CA SER B 133 -15.62 12.52 29.38
C SER B 133 -14.80 13.62 30.03
N ASP B 134 -13.48 13.63 29.83
CA ASP B 134 -12.63 14.68 30.40
C ASP B 134 -13.02 16.06 29.89
N TYR B 135 -13.63 16.16 28.72
CA TYR B 135 -14.05 17.43 28.15
C TYR B 135 -15.55 17.68 28.28
N ASN B 136 -16.26 16.83 29.02
CA ASN B 136 -17.72 16.95 29.16
C ASN B 136 -18.40 16.95 27.80
N ILE B 137 -17.92 16.09 26.89
CA ILE B 137 -18.55 15.93 25.59
C ILE B 137 -19.69 14.93 25.75
N GLN B 138 -20.91 15.40 25.57
CA GLN B 138 -22.13 14.63 25.84
C GLN B 138 -22.83 14.28 24.54
N LYS B 139 -24.02 13.70 24.68
CA LYS B 139 -24.83 13.37 23.52
C LYS B 139 -25.14 14.62 22.71
N GLU B 140 -25.06 14.51 21.39
CA GLU B 140 -25.38 15.57 20.44
C GLU B 140 -24.39 16.73 20.49
N SER B 141 -23.31 16.61 21.25
CA SER B 141 -22.30 17.65 21.24
C SER B 141 -21.71 17.80 19.84
N THR B 142 -21.20 19.00 19.54
CA THR B 142 -20.62 19.30 18.24
C THR B 142 -19.15 19.65 18.44
N LEU B 143 -18.27 18.90 17.79
CA LEU B 143 -16.84 19.20 17.73
C LEU B 143 -16.52 19.91 16.41
N HIS B 144 -15.39 20.60 16.40
CA HIS B 144 -14.94 21.34 15.23
C HIS B 144 -13.61 20.76 14.76
N LEU B 145 -13.54 20.46 13.46
CA LEU B 145 -12.36 19.88 12.84
C LEU B 145 -11.64 20.94 12.01
N VAL B 146 -10.35 21.14 12.29
CA VAL B 146 -9.50 22.03 11.51
C VAL B 146 -8.32 21.21 11.02
N LEU B 147 -8.12 21.19 9.70
CA LEU B 147 -7.06 20.39 9.11
C LEU B 147 -5.72 21.09 9.25
N ARG B 148 -4.67 20.29 9.37
CA ARG B 148 -3.31 20.81 9.44
C ARG B 148 -2.69 20.84 8.04
N LEU B 149 -2.18 19.71 7.58
CA LEU B 149 -1.66 19.58 6.22
C LEU B 149 -0.74 20.75 5.87
N ARG B 150 0.20 21.03 6.77
CA ARG B 150 1.09 22.16 6.57
C ARG B 150 2.06 21.89 5.42
N GLY B 151 2.60 22.96 4.87
CA GLY B 151 3.53 22.85 3.76
C GLY B 151 4.25 24.15 3.51
N GLY B 152 5.36 24.05 2.78
CA GLY B 152 6.18 25.21 2.48
C GLY B 152 7.18 24.95 1.38
N LEU C 3 -12.20 -30.47 19.15
CA LEU C 3 -12.38 -29.03 19.18
C LEU C 3 -13.71 -28.66 19.84
N PRO C 4 -13.81 -27.47 20.42
CA PRO C 4 -15.01 -27.13 21.20
C PRO C 4 -16.27 -27.21 20.36
N VAL C 5 -17.40 -27.43 21.06
CA VAL C 5 -18.67 -27.65 20.38
C VAL C 5 -19.06 -26.43 19.55
N LYS C 6 -18.89 -25.23 20.10
CA LYS C 6 -19.38 -24.03 19.41
C LYS C 6 -18.62 -23.75 18.12
N GLU C 7 -17.44 -24.34 17.94
CA GLU C 7 -16.63 -24.09 16.76
C GLU C 7 -16.87 -25.09 15.63
N ARG C 8 -17.49 -26.22 15.93
CA ARG C 8 -17.56 -27.30 14.95
C ARG C 8 -18.53 -26.95 13.82
N PRO C 9 -18.24 -27.39 12.59
CA PRO C 9 -19.22 -27.24 11.51
C PRO C 9 -20.54 -27.92 11.87
N ASP C 10 -21.62 -27.34 11.37
CA ASP C 10 -22.99 -27.81 11.57
C ASP C 10 -23.48 -27.60 12.99
N ALA C 11 -22.67 -27.01 13.87
CA ALA C 11 -23.08 -26.79 15.25
C ALA C 11 -24.12 -25.68 15.33
N ILE C 12 -25.04 -25.82 16.28
CA ILE C 12 -26.08 -24.83 16.53
C ILE C 12 -25.88 -24.28 17.94
N TYR C 13 -25.91 -22.96 18.05
CA TYR C 13 -25.77 -22.31 19.36
C TYR C 13 -26.57 -21.02 19.36
N THR C 14 -26.68 -20.42 20.54
CA THR C 14 -27.42 -19.18 20.75
C THR C 14 -26.47 -18.07 21.17
N PHE C 15 -26.73 -16.87 20.67
CA PHE C 15 -25.90 -15.70 20.98
C PHE C 15 -26.82 -14.49 21.08
N GLU C 16 -26.94 -13.93 22.28
CA GLU C 16 -27.74 -12.74 22.53
C GLU C 16 -29.17 -12.92 22.01
N GLY C 17 -29.79 -14.03 22.43
CA GLY C 17 -31.19 -14.26 22.14
C GLY C 17 -31.51 -14.66 20.72
N LYS C 18 -30.51 -14.99 19.91
CA LYS C 18 -30.74 -15.44 18.54
C LYS C 18 -29.95 -16.71 18.28
N THR C 19 -30.49 -17.56 17.41
CA THR C 19 -29.91 -18.85 17.10
C THR C 19 -29.04 -18.74 15.84
N TYR C 20 -27.90 -19.43 15.87
CA TYR C 20 -26.97 -19.46 14.75
C TYR C 20 -26.51 -20.89 14.50
N GLU C 21 -26.33 -21.23 13.23
CA GLU C 21 -25.99 -22.59 12.81
C GLU C 21 -24.78 -22.53 11.88
N ASN C 22 -23.63 -22.97 12.37
CA ASN C 22 -22.46 -23.11 11.51
C ASN C 22 -22.78 -24.06 10.36
N THR C 23 -22.18 -23.77 9.21
CA THR C 23 -22.36 -24.60 8.02
C THR C 23 -21.15 -25.50 7.83
N SER C 24 -21.05 -26.12 6.66
CA SER C 24 -19.95 -27.04 6.37
C SER C 24 -19.89 -27.27 4.87
N PHE C 25 -18.81 -27.93 4.43
CA PHE C 25 -18.67 -28.25 3.01
C PHE C 25 -19.74 -29.24 2.56
N SER C 26 -20.11 -30.17 3.43
CA SER C 26 -21.12 -31.16 3.05
C SER C 26 -22.49 -30.53 2.93
N LYS C 27 -22.83 -29.58 3.81
CA LYS C 27 -24.14 -28.95 3.74
C LYS C 27 -24.24 -27.96 2.59
N THR C 28 -23.18 -27.20 2.32
CA THR C 28 -23.20 -26.25 1.22
C THR C 28 -23.09 -26.94 -0.14
N GLY C 29 -22.68 -28.20 -0.16
CA GLY C 29 -22.56 -28.92 -1.42
C GLY C 29 -21.40 -28.51 -2.29
N ILE C 30 -20.45 -27.75 -1.76
CA ILE C 30 -19.30 -27.29 -2.54
C ILE C 30 -18.51 -28.53 -2.95
N PRO C 31 -18.33 -28.79 -4.24
CA PRO C 31 -17.60 -29.99 -4.65
C PRO C 31 -16.11 -29.87 -4.39
N ILE C 32 -15.45 -31.04 -4.32
CA ILE C 32 -14.00 -31.06 -4.19
C ILE C 32 -13.37 -30.31 -5.35
N VAL C 33 -13.87 -30.55 -6.56
CA VAL C 33 -13.42 -29.85 -7.76
C VAL C 33 -14.66 -29.31 -8.47
N GLY C 34 -14.73 -28.00 -8.62
CA GLY C 34 -15.88 -27.38 -9.23
C GLY C 34 -15.95 -27.62 -10.73
N GLN C 35 -17.07 -27.19 -11.30
CA GLN C 35 -17.28 -27.28 -12.73
C GLN C 35 -16.46 -26.22 -13.46
N PRO C 36 -16.15 -26.44 -14.73
CA PRO C 36 -15.41 -25.41 -15.48
C PRO C 36 -16.10 -24.06 -15.39
N LEU C 37 -15.31 -23.04 -15.10
CA LEU C 37 -15.82 -21.71 -14.80
C LEU C 37 -14.94 -20.66 -15.45
N LYS C 38 -15.54 -19.79 -16.25
CA LYS C 38 -14.77 -18.71 -16.86
C LYS C 38 -14.20 -17.79 -15.79
N MET C 39 -12.99 -17.28 -16.04
CA MET C 39 -12.34 -16.42 -15.06
C MET C 39 -13.18 -15.17 -14.77
N GLU C 40 -13.76 -14.58 -15.82
CA GLU C 40 -14.56 -13.38 -15.61
C GLU C 40 -15.75 -13.66 -14.70
N ALA C 41 -16.30 -14.88 -14.75
CA ALA C 41 -17.36 -15.25 -13.83
C ALA C 41 -16.81 -15.42 -12.41
N TYR C 42 -15.62 -16.02 -12.28
CA TYR C 42 -15.01 -16.16 -10.97
C TYR C 42 -14.74 -14.80 -10.33
N VAL C 43 -14.23 -13.85 -11.13
CA VAL C 43 -13.94 -12.52 -10.60
C VAL C 43 -15.23 -11.84 -10.16
N HIS C 44 -16.29 -11.99 -10.94
CA HIS C 44 -17.58 -11.42 -10.54
C HIS C 44 -18.10 -12.06 -9.26
N LYS C 45 -17.81 -13.35 -9.07
CA LYS C 45 -18.23 -14.04 -7.85
C LYS C 45 -17.49 -13.52 -6.63
N GLU C 46 -16.18 -13.31 -6.74
CA GLU C 46 -15.35 -13.01 -5.58
C GLU C 46 -15.12 -11.53 -5.36
N TYR C 47 -15.25 -10.70 -6.40
CA TYR C 47 -14.85 -9.30 -6.34
C TYR C 47 -15.86 -8.40 -7.04
N THR C 48 -17.15 -8.62 -6.78
CA THR C 48 -18.18 -7.82 -7.44
C THR C 48 -18.27 -6.41 -6.85
N HIS C 49 -17.88 -6.24 -5.59
CA HIS C 49 -17.89 -4.94 -4.92
C HIS C 49 -16.49 -4.56 -4.46
N VAL C 50 -15.46 -4.93 -5.23
CA VAL C 50 -14.09 -4.77 -4.78
C VAL C 50 -13.78 -3.31 -4.54
N THR C 51 -13.17 -3.01 -3.39
CA THR C 51 -12.71 -1.67 -3.05
C THR C 51 -11.32 -1.65 -2.45
N SER C 52 -10.91 -2.70 -1.74
CA SER C 52 -9.64 -2.69 -1.05
C SER C 52 -8.48 -2.85 -2.03
N LEU C 53 -7.30 -2.35 -1.63
CA LEU C 53 -6.13 -2.44 -2.49
C LEU C 53 -5.76 -3.89 -2.76
N GLU C 54 -5.84 -4.74 -1.73
CA GLU C 54 -5.51 -6.15 -1.90
C GLU C 54 -6.46 -6.83 -2.88
N GLY C 55 -7.75 -6.48 -2.81
CA GLY C 55 -8.72 -7.12 -3.70
C GLY C 55 -8.59 -6.63 -5.13
N LYS C 56 -8.34 -5.33 -5.31
CA LYS C 56 -8.15 -4.81 -6.66
C LYS C 56 -6.93 -5.43 -7.33
N ARG C 57 -5.88 -5.68 -6.55
CA ARG C 57 -4.68 -6.33 -7.09
C ARG C 57 -4.96 -7.77 -7.45
N PHE C 58 -5.62 -8.51 -6.54
CA PHE C 58 -5.99 -9.89 -6.84
C PHE C 58 -6.88 -9.96 -8.09
N LYS C 59 -7.80 -9.00 -8.23
CA LYS C 59 -8.71 -9.01 -9.37
C LYS C 59 -7.94 -8.81 -10.67
N SER C 60 -7.05 -7.82 -10.72
CA SER C 60 -6.31 -7.57 -11.95
C SER C 60 -5.31 -8.69 -12.24
N GLN C 61 -4.72 -9.28 -11.19
CA GLN C 61 -3.79 -10.38 -11.42
C GLN C 61 -4.52 -11.64 -11.89
N LEU C 62 -5.74 -11.87 -11.40
CA LEU C 62 -6.53 -13.00 -11.89
C LEU C 62 -6.86 -12.82 -13.37
N GLU C 63 -7.23 -11.61 -13.77
CA GLU C 63 -7.58 -11.37 -15.15
C GLU C 63 -6.36 -11.46 -16.07
N GLU C 64 -5.19 -11.04 -15.58
CA GLU C 64 -3.97 -11.20 -16.37
C GLU C 64 -3.60 -12.66 -16.53
N ALA C 65 -3.80 -13.46 -15.47
CA ALA C 65 -3.50 -14.88 -15.55
C ALA C 65 -4.35 -15.56 -16.61
N ALA C 66 -5.64 -15.22 -16.67
CA ALA C 66 -6.52 -15.79 -17.69
C ALA C 66 -6.08 -15.37 -19.08
N LYS C 67 -5.61 -14.13 -19.21
CA LYS C 67 -5.13 -13.65 -20.51
C LYS C 67 -3.98 -14.52 -21.01
N ILE C 68 -3.13 -15.00 -20.11
CA ILE C 68 -1.92 -15.71 -20.49
C ILE C 68 -2.15 -17.20 -20.64
N TYR C 69 -2.91 -17.81 -19.75
CA TYR C 69 -2.95 -19.27 -19.63
C TYR C 69 -4.25 -19.90 -20.09
N GLY C 70 -5.39 -19.26 -19.84
CA GLY C 70 -6.66 -19.84 -20.22
C GLY C 70 -7.85 -19.14 -19.61
N GLU C 71 -8.99 -19.18 -20.30
CA GLU C 71 -10.15 -18.40 -19.88
C GLU C 71 -10.95 -19.09 -18.79
N GLN C 72 -10.73 -20.38 -18.53
CA GLN C 72 -11.51 -21.14 -17.58
C GLN C 72 -10.61 -21.73 -16.50
N LEU C 73 -11.24 -22.03 -15.36
CA LEU C 73 -10.54 -22.60 -14.21
C LEU C 73 -11.48 -23.54 -13.48
N HIS C 74 -10.91 -24.31 -12.56
CA HIS C 74 -11.66 -25.16 -11.64
C HIS C 74 -11.48 -24.62 -10.22
N GLU C 75 -12.59 -24.29 -9.57
CA GLU C 75 -12.55 -24.01 -8.14
C GLU C 75 -12.23 -25.29 -7.39
N ILE C 76 -11.55 -25.12 -6.25
CA ILE C 76 -11.09 -26.24 -5.44
C ILE C 76 -11.58 -26.03 -4.02
N GLN C 77 -12.13 -27.08 -3.42
CA GLN C 77 -12.61 -27.00 -2.04
C GLN C 77 -11.44 -26.79 -1.10
N GLY C 78 -11.60 -25.86 -0.15
CA GLY C 78 -10.55 -25.57 0.80
C GLY C 78 -10.59 -26.47 2.01
N ASP C 79 -10.53 -27.78 1.78
CA ASP C 79 -10.51 -28.77 2.85
C ASP C 79 -9.12 -29.00 3.42
N GLY C 80 -8.13 -28.19 3.06
CA GLY C 80 -6.77 -28.37 3.51
C GLY C 80 -5.90 -29.17 2.56
N ASN C 81 -6.48 -29.75 1.51
CA ASN C 81 -5.75 -30.54 0.53
C ASN C 81 -5.75 -29.87 -0.84
N ALA C 82 -6.03 -28.57 -0.89
CA ALA C 82 -6.23 -27.89 -2.18
C ALA C 82 -4.98 -27.96 -3.05
N LEU C 83 -3.80 -27.97 -2.46
CA LEU C 83 -2.58 -28.05 -3.27
C LEU C 83 -2.54 -29.35 -4.06
N THR C 84 -2.75 -30.48 -3.38
CA THR C 84 -2.73 -31.77 -4.06
C THR C 84 -4.00 -31.99 -4.88
N THR C 85 -5.11 -31.34 -4.51
CA THR C 85 -6.32 -31.46 -5.31
C THR C 85 -6.20 -30.64 -6.60
N ALA C 86 -5.63 -29.45 -6.51
CA ALA C 86 -5.40 -28.65 -7.70
C ALA C 86 -4.36 -29.31 -8.61
N PHE C 87 -3.31 -29.89 -8.02
CA PHE C 87 -2.32 -30.61 -8.82
C PHE C 87 -2.96 -31.78 -9.53
N ALA C 88 -3.72 -32.60 -8.79
CA ALA C 88 -4.38 -33.75 -9.40
C ALA C 88 -5.29 -33.33 -10.54
N THR C 89 -6.00 -32.22 -10.37
CA THR C 89 -6.87 -31.73 -11.43
C THR C 89 -6.07 -31.39 -12.68
N SER C 90 -5.02 -30.58 -12.52
CA SER C 90 -4.20 -30.22 -13.67
C SER C 90 -3.48 -31.44 -14.23
N PHE C 91 -3.05 -32.35 -13.36
CA PHE C 91 -2.35 -33.55 -13.81
C PHE C 91 -3.28 -34.44 -14.64
N LEU C 92 -4.56 -34.51 -14.27
CA LEU C 92 -5.49 -35.37 -14.98
C LEU C 92 -5.74 -34.86 -16.40
N TYR C 93 -5.76 -33.54 -16.59
CA TYR C 93 -5.85 -33.00 -17.94
C TYR C 93 -4.68 -33.45 -18.79
N LEU C 94 -3.48 -33.52 -18.20
CA LEU C 94 -2.30 -33.96 -18.93
C LEU C 94 -2.33 -35.47 -19.18
N LEU C 95 -2.88 -36.24 -18.25
CA LEU C 95 -2.97 -37.69 -18.41
C LEU C 95 -3.98 -38.09 -19.47
N ASN C 96 -4.96 -37.24 -19.78
CA ASN C 96 -6.03 -37.59 -20.69
C ASN C 96 -5.48 -37.89 -22.09
N GLY C 97 -5.53 -39.17 -22.49
CA GLY C 97 -5.02 -39.57 -23.79
C GLY C 97 -3.54 -39.77 -23.86
N ASN C 98 -2.83 -39.73 -22.74
CA ASN C 98 -1.37 -39.85 -22.68
C ASN C 98 -1.06 -41.19 -22.02
N ALA C 99 -1.03 -42.26 -22.82
CA ALA C 99 -0.80 -43.59 -22.28
C ALA C 99 0.60 -43.72 -21.67
N THR C 100 1.59 -43.03 -22.26
CA THR C 100 2.95 -43.13 -21.74
C THR C 100 3.04 -42.53 -20.34
N LEU C 101 2.40 -41.39 -20.12
CA LEU C 101 2.46 -40.76 -18.80
C LEU C 101 1.61 -41.53 -17.79
N ILE C 102 0.49 -42.10 -18.21
CA ILE C 102 -0.32 -42.91 -17.31
C ILE C 102 0.48 -44.11 -16.83
N ALA C 103 1.24 -44.74 -17.72
CA ALA C 103 2.04 -45.90 -17.33
C ALA C 103 3.13 -45.51 -16.35
N THR C 104 3.82 -44.39 -16.61
CA THR C 104 4.84 -43.93 -15.67
C THR C 104 4.22 -43.64 -14.31
N PHE C 105 3.04 -43.03 -14.29
CA PHE C 105 2.39 -42.72 -13.02
C PHE C 105 1.93 -44.00 -12.32
N ASP C 106 1.37 -44.95 -13.08
CA ASP C 106 0.94 -46.21 -12.48
C ASP C 106 2.11 -46.97 -11.89
N ASN C 107 3.28 -46.90 -12.55
CA ASN C 107 4.46 -47.59 -12.02
C ASN C 107 4.91 -46.98 -10.70
N ILE C 108 4.78 -45.65 -10.55
CA ILE C 108 5.12 -45.01 -9.28
C ILE C 108 4.15 -45.46 -8.19
N LEU C 109 2.86 -45.55 -8.51
CA LEU C 109 1.87 -45.93 -7.49
C LEU C 109 2.12 -47.34 -6.98
N ILE C 110 2.52 -48.26 -7.86
CA ILE C 110 2.77 -49.63 -7.45
C ILE C 110 3.87 -49.68 -6.39
N GLY C 111 4.87 -48.81 -6.51
CA GLY C 111 5.98 -48.84 -5.58
C GLY C 111 5.73 -48.19 -4.24
N LEU C 112 4.62 -47.46 -4.10
CA LEU C 112 4.34 -46.76 -2.85
C LEU C 112 3.87 -47.73 -1.77
N ASP C 113 4.12 -47.36 -0.53
CA ASP C 113 3.59 -48.10 0.60
C ASP C 113 2.07 -48.15 0.51
N ALA C 114 1.49 -49.15 1.18
CA ALA C 114 0.05 -49.36 1.11
C ALA C 114 -0.71 -48.08 1.46
N HIS C 115 -1.85 -47.90 0.80
CA HIS C 115 -2.70 -46.74 1.01
C HIS C 115 -4.07 -47.06 0.44
N LYS C 116 -5.12 -46.74 1.20
CA LYS C 116 -6.46 -47.17 0.83
C LYS C 116 -6.91 -46.59 -0.50
N ASN C 117 -6.42 -45.41 -0.87
CA ASN C 117 -6.87 -44.71 -2.06
C ASN C 117 -6.02 -44.98 -3.30
N ILE C 118 -5.00 -45.83 -3.20
CA ILE C 118 -4.14 -46.10 -4.35
C ILE C 118 -4.88 -46.98 -5.35
N PRO C 119 -5.54 -48.06 -4.94
CA PRO C 119 -6.25 -48.91 -5.91
C PRO C 119 -7.27 -48.12 -6.72
N PRO C 120 -8.14 -47.34 -6.08
CA PRO C 120 -9.12 -46.57 -6.88
C PRO C 120 -8.48 -45.57 -7.82
N VAL C 121 -7.35 -44.97 -7.46
CA VAL C 121 -6.68 -44.04 -8.36
C VAL C 121 -6.14 -44.78 -9.58
N ARG C 122 -5.60 -45.97 -9.39
CA ARG C 122 -5.10 -46.75 -10.52
C ARG C 122 -6.25 -47.16 -11.43
N GLN C 123 -7.38 -47.55 -10.85
CA GLN C 123 -8.57 -47.84 -11.65
C GLN C 123 -9.00 -46.62 -12.45
N THR C 124 -8.81 -45.42 -11.89
CA THR C 124 -9.25 -44.20 -12.56
C THR C 124 -8.37 -43.88 -13.76
N ILE C 125 -7.05 -43.89 -13.59
CA ILE C 125 -6.16 -43.52 -14.69
C ILE C 125 -6.26 -44.54 -15.82
N GLU C 126 -6.65 -45.78 -15.52
CA GLU C 126 -6.87 -46.76 -16.57
C GLU C 126 -7.94 -46.30 -17.54
N LYS C 127 -8.90 -45.52 -17.08
CA LYS C 127 -10.02 -45.08 -17.90
C LYS C 127 -9.66 -43.92 -18.83
N LEU C 128 -8.43 -43.42 -18.77
CA LEU C 128 -8.01 -42.28 -19.57
C LEU C 128 -6.91 -42.63 -20.57
N LYS C 129 -6.60 -43.91 -20.76
CA LYS C 129 -5.59 -44.30 -21.74
C LYS C 129 -5.95 -43.80 -23.13
N VAL C 130 -7.22 -43.96 -23.50
CA VAL C 130 -7.75 -43.36 -24.72
C VAL C 130 -8.39 -42.03 -24.35
N LYS C 131 -8.03 -40.97 -25.06
CA LYS C 131 -8.55 -39.64 -24.75
C LYS C 131 -10.07 -39.68 -24.63
N ASN C 132 -10.57 -39.22 -23.49
CA ASN C 132 -12.00 -39.27 -23.20
C ASN C 132 -12.34 -38.06 -22.31
N ASP C 133 -12.75 -36.97 -22.96
CA ASP C 133 -13.08 -35.76 -22.21
C ASP C 133 -14.27 -35.98 -21.29
N LEU C 134 -15.23 -36.82 -21.71
CA LEU C 134 -16.42 -37.04 -20.90
C LEU C 134 -16.09 -37.79 -19.61
N GLU C 135 -15.21 -38.79 -19.69
CA GLU C 135 -14.79 -39.51 -18.49
C GLU C 135 -14.02 -38.59 -17.56
N LEU C 136 -13.14 -37.75 -18.11
CA LEU C 136 -12.45 -36.78 -17.27
C LEU C 136 -13.44 -35.91 -16.52
N LYS C 137 -14.50 -35.46 -17.20
CA LYS C 137 -15.52 -34.65 -16.55
C LYS C 137 -16.18 -35.41 -15.40
N GLN C 138 -16.50 -36.68 -15.61
CA GLN C 138 -17.09 -37.47 -14.53
C GLN C 138 -16.10 -37.69 -13.39
N ILE C 139 -14.83 -37.92 -13.73
CA ILE C 139 -13.81 -38.09 -12.69
C ILE C 139 -13.74 -36.84 -11.82
N LEU C 140 -13.58 -35.68 -12.45
CA LEU C 140 -13.44 -34.43 -11.70
C LEU C 140 -14.70 -34.07 -10.92
N ALA C 141 -15.87 -34.58 -11.34
CA ALA C 141 -17.11 -34.28 -10.65
C ALA C 141 -17.37 -35.19 -9.45
N SER C 142 -16.60 -36.25 -9.28
CA SER C 142 -16.78 -37.19 -8.18
C SER C 142 -15.95 -36.73 -6.98
N ASN C 143 -16.62 -36.25 -5.94
CA ASN C 143 -15.91 -35.82 -4.74
C ASN C 143 -15.06 -36.95 -4.16
N GLU C 144 -15.58 -38.18 -4.17
CA GLU C 144 -14.84 -39.31 -3.60
C GLU C 144 -13.63 -39.65 -4.46
N THR C 145 -13.76 -39.59 -5.79
CA THR C 145 -12.64 -39.90 -6.65
C THR C 145 -11.52 -38.87 -6.49
N MET C 146 -11.88 -37.58 -6.48
CA MET C 146 -10.86 -36.55 -6.41
C MET C 146 -10.22 -36.45 -5.03
N PHE C 147 -10.99 -36.71 -3.97
CA PHE C 147 -10.38 -36.79 -2.64
C PHE C 147 -9.37 -37.93 -2.58
N ALA C 148 -9.71 -39.09 -3.14
CA ALA C 148 -8.76 -40.19 -3.21
C ALA C 148 -7.52 -39.77 -3.99
N PHE C 149 -7.73 -39.14 -5.16
CA PHE C 149 -6.59 -38.66 -5.94
C PHE C 149 -5.75 -37.68 -5.14
N SER C 150 -6.40 -36.75 -4.42
CA SER C 150 -5.67 -35.74 -3.68
C SER C 150 -4.84 -36.36 -2.56
N SER C 151 -5.41 -37.31 -1.83
CA SER C 151 -4.69 -37.93 -0.72
C SER C 151 -3.54 -38.80 -1.23
N VAL C 152 -3.66 -39.36 -2.42
CA VAL C 152 -2.59 -40.18 -2.97
C VAL C 152 -1.40 -39.33 -3.37
N ILE C 153 -1.66 -38.11 -3.86
CA ILE C 153 -0.56 -37.21 -4.22
C ILE C 153 0.21 -36.80 -2.97
N ARG C 154 -0.50 -36.47 -1.89
CA ARG C 154 0.17 -36.17 -0.63
C ARG C 154 1.03 -37.34 -0.17
N HIS C 155 0.44 -38.53 -0.10
CA HIS C 155 1.21 -39.72 0.26
C HIS C 155 2.39 -39.93 -0.67
N LEU C 156 2.17 -39.74 -1.97
CA LEU C 156 3.25 -39.91 -2.94
C LEU C 156 4.38 -38.91 -2.69
N ALA C 157 4.04 -37.65 -2.44
CA ALA C 157 5.06 -36.64 -2.20
C ALA C 157 5.88 -36.97 -0.98
N ARG C 158 5.23 -37.41 0.11
CA ARG C 158 5.94 -37.70 1.35
C ARG C 158 6.89 -38.88 1.19
N GLN C 159 6.55 -39.83 0.33
CA GLN C 159 7.37 -41.03 0.19
C GLN C 159 8.51 -40.86 -0.81
N LYS C 160 8.31 -40.06 -1.86
CA LYS C 160 9.26 -40.01 -2.96
C LYS C 160 10.10 -38.73 -3.00
N LEU C 161 9.56 -37.59 -2.55
CA LEU C 161 10.33 -36.36 -2.61
C LEU C 161 11.61 -36.41 -1.78
N PRO C 162 11.63 -36.97 -0.57
CA PRO C 162 12.89 -37.06 0.17
C PRO C 162 14.01 -37.72 -0.62
N GLU C 163 13.67 -38.57 -1.59
CA GLU C 163 14.68 -39.23 -2.40
C GLU C 163 15.38 -38.27 -3.34
N LEU C 164 14.79 -37.10 -3.61
CA LEU C 164 15.43 -36.11 -4.47
C LEU C 164 16.59 -35.41 -3.78
N GLY C 165 16.77 -35.60 -2.48
CA GLY C 165 17.78 -34.88 -1.74
C GLY C 165 17.24 -33.62 -1.10
N GLU C 166 18.16 -32.74 -0.71
CA GLU C 166 17.77 -31.48 -0.11
C GLU C 166 17.07 -30.60 -1.14
N PRO C 167 16.12 -29.77 -0.71
CA PRO C 167 15.67 -29.54 0.67
C PRO C 167 14.66 -30.56 1.16
N PHE C 168 14.20 -31.47 0.28
CA PHE C 168 13.07 -32.33 0.64
C PHE C 168 13.43 -33.31 1.74
N SER C 169 14.65 -33.85 1.72
CA SER C 169 15.06 -34.76 2.78
C SER C 169 15.02 -34.08 4.15
N LEU C 170 15.22 -32.77 4.19
CA LEU C 170 15.31 -32.04 5.45
C LEU C 170 13.97 -31.50 5.92
N LEU C 171 13.04 -31.19 5.00
CA LEU C 171 11.84 -30.43 5.33
C LEU C 171 10.55 -31.16 4.98
N ILE C 172 10.60 -32.47 4.71
CA ILE C 172 9.44 -33.15 4.15
C ILE C 172 8.24 -33.04 5.08
N ASP C 173 8.46 -33.26 6.38
CA ASP C 173 7.34 -33.23 7.32
C ASP C 173 6.76 -31.84 7.46
N GLU C 174 7.60 -30.81 7.44
CA GLU C 174 7.09 -29.45 7.51
C GLU C 174 6.47 -29.03 6.18
N MET C 175 6.98 -29.56 5.07
CA MET C 175 6.54 -29.15 3.75
C MET C 175 5.28 -29.89 3.32
N VAL C 176 5.19 -31.18 3.62
CA VAL C 176 4.04 -32.00 3.23
C VAL C 176 3.62 -32.84 4.42
N PRO C 177 2.77 -32.34 5.32
CA PRO C 177 2.36 -33.14 6.48
C PRO C 177 1.61 -34.40 6.04
N GLU C 178 1.68 -35.42 6.88
CA GLU C 178 1.00 -36.68 6.59
C GLU C 178 -0.51 -36.56 6.82
N GLU C 179 -0.91 -35.83 7.86
CA GLU C 179 -2.32 -35.78 8.24
C GLU C 179 -3.14 -35.09 7.16
N ASP C 180 -4.29 -35.67 6.85
CA ASP C 180 -5.22 -35.07 5.90
C ASP C 180 -5.75 -33.76 6.44
N GLY C 181 -5.92 -32.78 5.55
CA GLY C 181 -6.43 -31.48 5.92
C GLY C 181 -5.38 -30.47 6.36
N LYS C 182 -4.10 -30.85 6.39
CA LYS C 182 -3.03 -29.94 6.77
C LYS C 182 -2.37 -29.36 5.53
N GLU C 183 -2.23 -28.04 5.52
CA GLU C 183 -1.77 -27.34 4.33
C GLU C 183 -0.37 -27.77 3.93
N ILE C 184 -0.07 -27.60 2.64
CA ILE C 184 1.17 -28.05 2.03
C ILE C 184 1.89 -26.85 1.44
N GLU C 185 3.22 -26.88 1.50
CA GLU C 185 4.03 -25.79 0.99
C GLU C 185 4.21 -25.89 -0.52
N ILE C 186 4.51 -24.75 -1.14
CA ILE C 186 4.56 -24.67 -2.60
C ILE C 186 5.71 -25.53 -3.15
N ALA C 187 6.79 -25.67 -2.39
CA ALA C 187 7.91 -26.47 -2.86
C ALA C 187 7.50 -27.89 -3.21
N CYS C 188 6.38 -28.37 -2.66
CA CYS C 188 5.91 -29.70 -2.99
C CYS C 188 5.61 -29.84 -4.48
N ILE C 189 5.09 -28.77 -5.08
CA ILE C 189 4.80 -28.79 -6.52
C ILE C 189 6.10 -28.91 -7.31
N GLY C 190 7.14 -28.18 -6.88
CA GLY C 190 8.41 -28.25 -7.59
C GLY C 190 9.01 -29.65 -7.54
N GLY C 191 8.96 -30.30 -6.39
CA GLY C 191 9.46 -31.66 -6.29
C GLY C 191 8.67 -32.62 -7.16
N LEU C 192 7.35 -32.52 -7.13
CA LEU C 192 6.53 -33.40 -7.95
C LEU C 192 6.85 -33.25 -9.43
N CYS C 193 7.02 -32.02 -9.90
CA CYS C 193 7.40 -31.80 -11.29
C CYS C 193 8.73 -32.47 -11.61
N GLN C 194 9.68 -32.42 -10.67
CA GLN C 194 10.98 -33.05 -10.90
C GLN C 194 10.84 -34.56 -11.02
N LEU C 195 10.09 -35.17 -10.11
CA LEU C 195 9.89 -36.62 -10.15
C LEU C 195 9.18 -37.04 -11.42
N LEU C 196 8.07 -36.38 -11.75
CA LEU C 196 7.25 -36.76 -12.90
C LEU C 196 7.78 -36.21 -14.21
N ASN C 197 8.84 -35.40 -14.18
CA ASN C 197 9.43 -34.84 -15.40
C ASN C 197 8.40 -34.06 -16.21
N ILE C 198 7.65 -33.21 -15.51
CA ILE C 198 6.71 -32.30 -16.14
C ILE C 198 7.02 -30.89 -15.65
N CYS C 199 6.37 -29.91 -16.28
CA CYS C 199 6.59 -28.50 -15.98
C CYS C 199 5.29 -27.87 -15.50
N ALA C 200 5.40 -27.02 -14.48
CA ALA C 200 4.24 -26.34 -13.91
C ALA C 200 4.55 -24.88 -13.68
N ASP C 201 3.56 -24.03 -13.91
CA ASP C 201 3.59 -22.62 -13.53
C ASP C 201 2.65 -22.42 -12.36
N VAL C 202 3.18 -21.91 -11.25
CA VAL C 202 2.39 -21.57 -10.07
C VAL C 202 2.26 -20.05 -10.03
N ILE C 203 1.02 -19.57 -9.99
CA ILE C 203 0.73 -18.14 -10.06
C ILE C 203 0.54 -17.66 -8.62
N TYR C 204 1.53 -16.96 -8.09
CA TYR C 204 1.50 -16.42 -6.74
C TYR C 204 0.84 -15.04 -6.80
N LEU C 205 -0.45 -14.99 -6.46
CA LEU C 205 -1.14 -13.70 -6.37
C LEU C 205 -0.60 -12.93 -5.19
N ARG C 206 -0.10 -11.72 -5.45
CA ARG C 206 0.58 -10.91 -4.43
C ARG C 206 -0.28 -9.71 -4.09
N LYS C 207 -0.60 -9.56 -2.81
CA LYS C 207 -1.38 -8.42 -2.35
C LYS C 207 -0.53 -7.18 -2.12
N ASP C 208 0.78 -7.33 -2.01
CA ASP C 208 1.69 -6.21 -1.79
C ASP C 208 2.29 -5.67 -3.09
N TYR C 209 1.92 -6.24 -4.23
CA TYR C 209 2.44 -5.81 -5.52
C TYR C 209 1.30 -5.78 -6.54
N ASP C 210 1.49 -4.97 -7.58
CA ASP C 210 0.46 -4.83 -8.59
C ASP C 210 0.40 -6.05 -9.51
N THR C 211 1.50 -6.75 -9.69
CA THR C 211 1.58 -7.92 -10.54
C THR C 211 1.80 -9.17 -9.71
N PHE C 212 1.38 -10.31 -10.27
CA PHE C 212 1.63 -11.59 -9.62
C PHE C 212 3.09 -12.00 -9.83
N LYS C 213 3.45 -13.14 -9.23
CA LYS C 213 4.75 -13.73 -9.39
C LYS C 213 4.57 -15.16 -9.90
N ILE C 214 5.27 -15.50 -10.98
CA ILE C 214 5.21 -16.83 -11.57
C ILE C 214 6.36 -17.65 -11.02
N GLU C 215 6.04 -18.75 -10.35
CA GLU C 215 7.03 -19.72 -9.90
C GLU C 215 6.95 -20.90 -10.85
N ARG C 216 7.96 -21.06 -11.68
CA ARG C 216 7.98 -22.12 -12.69
C ARG C 216 8.91 -23.24 -12.24
N TYR C 217 8.44 -24.49 -12.37
CA TYR C 217 9.20 -25.66 -11.99
C TYR C 217 9.24 -26.63 -13.15
N PRO C 218 10.37 -27.36 -13.33
CA PRO C 218 11.60 -27.36 -12.53
C PRO C 218 12.62 -26.33 -12.98
N ASN C 219 12.41 -25.69 -14.13
CA ASN C 219 13.34 -24.71 -14.67
C ASN C 219 12.59 -23.41 -14.93
N GLU C 220 13.26 -22.28 -14.65
CA GLU C 220 12.63 -20.97 -14.87
C GLU C 220 12.30 -20.72 -16.33
N THR C 221 12.80 -21.57 -17.25
CA THR C 221 12.35 -21.60 -18.62
C THR C 221 11.65 -22.93 -18.90
N GLY C 222 10.83 -22.95 -19.94
CA GLY C 222 10.10 -24.14 -20.31
C GLY C 222 8.62 -23.91 -20.48
N LYS C 223 7.96 -24.80 -21.23
CA LYS C 223 6.53 -24.68 -21.47
C LYS C 223 5.76 -25.39 -20.36
N PRO C 224 4.85 -24.72 -19.66
CA PRO C 224 4.15 -25.38 -18.56
C PRO C 224 3.13 -26.40 -19.04
N ASP C 225 3.12 -27.56 -18.38
CA ASP C 225 2.06 -28.54 -18.57
C ASP C 225 0.91 -28.34 -17.59
N LEU C 226 1.22 -27.87 -16.37
CA LEU C 226 0.22 -27.55 -15.36
C LEU C 226 0.30 -26.07 -15.04
N VAL C 227 -0.85 -25.48 -14.72
CA VAL C 227 -0.94 -24.09 -14.29
C VAL C 227 -1.80 -24.05 -13.04
N ILE C 228 -1.18 -23.81 -11.89
CA ILE C 228 -1.87 -23.77 -10.61
C ILE C 228 -1.79 -22.33 -10.08
N LEU C 229 -2.90 -21.86 -9.51
CA LEU C 229 -3.00 -20.49 -9.04
C LEU C 229 -3.14 -20.49 -7.51
N ARG C 230 -2.32 -19.69 -6.84
CA ARG C 230 -2.37 -19.54 -5.39
C ARG C 230 -3.08 -18.23 -5.05
N LYS C 231 -4.29 -18.34 -4.51
CA LYS C 231 -5.10 -17.21 -4.08
C LYS C 231 -5.11 -17.24 -2.55
N ALA C 232 -4.22 -16.48 -1.93
CA ALA C 232 -3.99 -16.55 -0.49
C ALA C 232 -3.52 -17.98 -0.17
N ALA C 233 -3.84 -18.48 1.02
CA ALA C 233 -3.45 -19.84 1.40
C ALA C 233 -4.44 -20.85 0.82
N HIS C 234 -4.54 -20.83 -0.51
CA HIS C 234 -5.50 -21.68 -1.22
C HIS C 234 -5.03 -21.79 -2.66
N PHE C 235 -5.37 -22.92 -3.29
CA PHE C 235 -4.92 -23.22 -4.64
C PHE C 235 -6.10 -23.55 -5.54
N LEU C 236 -6.07 -23.02 -6.76
CA LEU C 236 -7.03 -23.34 -7.80
C LEU C 236 -6.29 -23.87 -9.02
N SER C 237 -7.04 -24.48 -9.94
CA SER C 237 -6.48 -25.11 -11.13
C SER C 237 -6.99 -24.38 -12.36
N ILE C 238 -6.07 -23.88 -13.18
CA ILE C 238 -6.41 -23.19 -14.42
C ILE C 238 -6.46 -24.23 -15.54
N ILE C 239 -7.51 -24.15 -16.36
CA ILE C 239 -7.63 -25.04 -17.52
C ILE C 239 -6.77 -24.47 -18.63
N LEU C 240 -5.68 -25.17 -18.95
CA LEU C 240 -4.68 -24.65 -19.87
C LEU C 240 -5.21 -24.71 -21.30
N ASP C 241 -5.25 -23.57 -21.97
CA ASP C 241 -5.65 -23.50 -23.37
C ASP C 241 -4.44 -23.69 -24.27
N SER C 242 -4.67 -24.34 -25.41
CA SER C 242 -3.61 -24.60 -26.38
C SER C 242 -3.70 -23.63 -27.56
N MET D 1 8.67 19.73 3.19
CA MET D 1 9.98 20.39 2.95
C MET D 1 10.57 19.93 1.62
N GLN D 2 11.32 20.83 0.97
CA GLN D 2 11.99 20.55 -0.28
C GLN D 2 13.48 20.42 -0.02
N ILE D 3 14.05 19.26 -0.33
CA ILE D 3 15.44 18.96 -0.07
C ILE D 3 16.16 18.72 -1.39
N PHE D 4 17.49 18.65 -1.30
CA PHE D 4 18.34 18.36 -2.44
C PHE D 4 18.99 17.00 -2.27
N VAL D 5 19.22 16.32 -3.39
CA VAL D 5 19.97 15.07 -3.42
C VAL D 5 20.96 15.15 -4.58
N LYS D 6 22.23 14.85 -4.30
CA LYS D 6 23.29 14.86 -5.30
C LYS D 6 23.74 13.44 -5.55
N THR D 7 23.67 13.00 -6.81
CA THR D 7 24.02 11.64 -7.17
C THR D 7 25.54 11.48 -7.24
N LEU D 8 25.98 10.25 -7.51
CA LEU D 8 27.42 10.01 -7.66
C LEU D 8 27.98 10.77 -8.84
N THR D 9 27.16 11.09 -9.83
CA THR D 9 27.60 11.83 -11.01
C THR D 9 27.55 13.34 -10.81
N GLY D 10 27.12 13.81 -9.63
CA GLY D 10 27.04 15.23 -9.36
C GLY D 10 25.72 15.89 -9.72
N LYS D 11 24.81 15.17 -10.37
CA LYS D 11 23.52 15.77 -10.72
C LYS D 11 22.73 16.08 -9.45
N THR D 12 22.05 17.22 -9.46
CA THR D 12 21.29 17.68 -8.31
C THR D 12 19.81 17.48 -8.57
N ILE D 13 19.11 16.92 -7.58
CA ILE D 13 17.69 16.60 -7.69
C ILE D 13 16.98 17.15 -6.47
N THR D 14 15.74 17.57 -6.66
CA THR D 14 14.87 18.02 -5.58
C THR D 14 13.85 16.94 -5.24
N LEU D 15 13.48 16.88 -3.96
CA LEU D 15 12.46 15.96 -3.49
C LEU D 15 11.51 16.69 -2.55
N GLU D 16 10.21 16.48 -2.75
CA GLU D 16 9.20 16.99 -1.83
C GLU D 16 8.91 15.90 -0.80
N VAL D 17 9.41 16.09 0.42
CA VAL D 17 9.26 15.10 1.48
C VAL D 17 8.58 15.74 2.68
N GLU D 18 8.44 14.98 3.76
CA GLU D 18 7.91 15.46 5.02
C GLU D 18 8.84 14.99 6.14
N PRO D 19 8.85 15.71 7.27
CA PRO D 19 9.80 15.36 8.33
C PRO D 19 9.68 13.92 8.81
N SER D 20 8.49 13.33 8.76
CA SER D 20 8.28 11.99 9.29
C SER D 20 8.73 10.89 8.33
N ASP D 21 9.05 11.24 7.07
CA ASP D 21 9.48 10.23 6.12
C ASP D 21 10.76 9.56 6.58
N THR D 22 10.82 8.24 6.41
CA THR D 22 12.00 7.48 6.78
C THR D 22 13.06 7.52 5.68
N ILE D 23 14.28 7.13 6.04
CA ILE D 23 15.36 7.11 5.05
C ILE D 23 15.05 6.10 3.96
N GLU D 24 14.50 4.94 4.34
CA GLU D 24 14.06 3.97 3.34
C GLU D 24 13.05 4.59 2.40
N ASN D 25 12.14 5.42 2.92
CA ASN D 25 11.15 6.07 2.07
C ASN D 25 11.79 7.12 1.17
N VAL D 26 12.84 7.79 1.64
CA VAL D 26 13.55 8.74 0.80
C VAL D 26 14.21 8.03 -0.36
N LYS D 27 14.91 6.92 -0.08
CA LYS D 27 15.53 6.14 -1.15
C LYS D 27 14.49 5.68 -2.16
N ALA D 28 13.28 5.35 -1.70
CA ALA D 28 12.22 4.97 -2.61
C ALA D 28 11.82 6.15 -3.50
N LYS D 29 11.83 7.35 -2.95
CA LYS D 29 11.54 8.54 -3.75
C LYS D 29 12.69 8.82 -4.73
N ILE D 30 13.93 8.58 -4.29
CA ILE D 30 15.07 8.76 -5.18
C ILE D 30 14.99 7.81 -6.36
N GLN D 31 14.55 6.57 -6.12
CA GLN D 31 14.40 5.63 -7.22
C GLN D 31 13.29 6.06 -8.16
N ASP D 32 12.14 6.48 -7.62
CA ASP D 32 11.03 6.89 -8.46
C ASP D 32 11.43 7.97 -9.44
N LYS D 33 12.32 8.88 -9.02
CA LYS D 33 12.68 10.02 -9.85
C LYS D 33 13.93 9.78 -10.68
N GLU D 34 14.94 9.10 -10.12
CA GLU D 34 16.22 8.95 -10.78
C GLU D 34 16.56 7.52 -11.18
N GLY D 35 15.92 6.51 -10.58
CA GLY D 35 16.09 5.15 -11.00
C GLY D 35 17.13 4.34 -10.24
N ILE D 36 17.92 4.97 -9.38
CA ILE D 36 18.93 4.25 -8.60
C ILE D 36 18.21 3.27 -7.67
N PRO D 37 18.51 1.98 -7.74
CA PRO D 37 17.88 1.03 -6.81
C PRO D 37 18.25 1.37 -5.37
N PRO D 38 17.32 1.22 -4.43
CA PRO D 38 17.64 1.57 -3.04
C PRO D 38 18.78 0.77 -2.45
N ASP D 39 19.00 -0.46 -2.92
CA ASP D 39 20.08 -1.28 -2.39
C ASP D 39 21.46 -0.75 -2.75
N GLN D 40 21.55 0.12 -3.76
CA GLN D 40 22.82 0.75 -4.10
C GLN D 40 23.01 2.10 -3.42
N GLN D 41 22.00 2.63 -2.77
CA GLN D 41 22.03 3.99 -2.24
C GLN D 41 22.66 4.00 -0.85
N ARG D 42 23.68 4.84 -0.68
CA ARG D 42 24.25 5.16 0.62
C ARG D 42 24.19 6.67 0.76
N LEU D 43 23.36 7.15 1.68
CA LEU D 43 23.11 8.58 1.85
C LEU D 43 23.84 9.12 3.06
N ILE D 44 24.37 10.33 2.93
CA ILE D 44 24.98 11.06 4.04
C ILE D 44 24.35 12.44 4.10
N PHE D 45 24.42 13.05 5.28
CA PHE D 45 24.01 14.43 5.46
C PHE D 45 24.90 15.04 6.53
N ALA D 46 25.62 16.10 6.16
CA ALA D 46 26.56 16.76 7.07
C ALA D 46 27.65 15.79 7.54
N GLY D 47 28.04 14.87 6.67
CA GLY D 47 29.12 13.94 6.97
C GLY D 47 28.71 12.78 7.85
N LYS D 48 27.43 12.53 8.02
CA LYS D 48 26.94 11.43 8.84
C LYS D 48 26.09 10.50 7.99
N GLN D 49 26.36 9.20 8.08
CA GLN D 49 25.59 8.22 7.33
C GLN D 49 24.17 8.16 7.86
N LEU D 50 23.24 7.80 6.98
CA LEU D 50 21.82 7.72 7.30
C LEU D 50 21.38 6.27 7.30
N GLU D 51 20.73 5.85 8.38
CA GLU D 51 20.26 4.47 8.51
C GLU D 51 18.82 4.36 8.01
N ASP D 52 18.50 3.20 7.43
CA ASP D 52 17.21 3.02 6.78
C ASP D 52 16.03 3.15 7.73
N GLY D 53 16.26 3.00 9.04
CA GLY D 53 15.17 2.97 9.98
C GLY D 53 14.80 4.32 10.57
N ARG D 54 15.74 5.25 10.55
CA ARG D 54 15.52 6.56 11.14
C ARG D 54 14.69 7.43 10.19
N THR D 55 14.37 8.63 10.63
CA THR D 55 13.62 9.60 9.82
C THR D 55 14.44 10.85 9.60
N LEU D 56 13.94 11.71 8.72
CA LEU D 56 14.63 12.97 8.42
C LEU D 56 14.65 13.87 9.64
N SER D 57 13.55 13.91 10.40
CA SER D 57 13.50 14.76 11.59
C SER D 57 14.60 14.39 12.57
N ASP D 58 14.90 13.10 12.68
CA ASP D 58 15.94 12.65 13.60
C ASP D 58 17.29 13.26 13.25
N TYR D 59 17.60 13.34 11.94
CA TYR D 59 18.82 13.97 11.47
C TYR D 59 18.66 15.48 11.26
N ASN D 60 17.71 16.11 11.96
CA ASN D 60 17.32 17.50 11.79
C ASN D 60 17.53 17.97 10.35
N ILE D 61 17.01 17.21 9.39
CA ILE D 61 17.00 17.60 7.99
C ILE D 61 15.77 18.48 7.75
N GLN D 62 15.97 19.58 7.03
CA GLN D 62 14.92 20.57 6.83
C GLN D 62 14.98 21.04 5.38
N LYS D 63 14.21 22.09 5.08
CA LYS D 63 14.24 22.68 3.76
C LYS D 63 15.66 23.09 3.39
N GLU D 64 15.98 22.97 2.10
CA GLU D 64 17.26 23.36 1.51
C GLU D 64 18.40 22.44 1.92
N SER D 65 18.16 21.46 2.79
CA SER D 65 19.22 20.51 3.14
C SER D 65 19.60 19.69 1.92
N THR D 66 20.88 19.29 1.88
CA THR D 66 21.42 18.52 0.78
C THR D 66 21.88 17.16 1.31
N LEU D 67 21.36 16.09 0.71
CA LEU D 67 21.85 14.74 0.96
C LEU D 67 22.71 14.32 -0.21
N HIS D 68 23.77 13.58 0.08
CA HIS D 68 24.71 13.14 -0.93
C HIS D 68 24.71 11.63 -1.01
N LEU D 69 24.58 11.11 -2.23
CA LEU D 69 24.78 9.70 -2.48
C LEU D 69 26.27 9.43 -2.61
N VAL D 70 26.76 8.45 -1.85
CA VAL D 70 28.19 8.17 -1.78
C VAL D 70 28.43 6.69 -2.08
N LEU D 71 29.68 6.39 -2.42
CA LEU D 71 30.05 5.01 -2.68
C LEU D 71 29.95 4.19 -1.40
N ARG D 72 29.62 2.91 -1.57
CA ARG D 72 29.51 2.01 -0.44
C ARG D 72 30.87 1.70 0.15
N LEU D 73 30.86 1.21 1.39
CA LEU D 73 32.10 0.85 2.05
C LEU D 73 32.81 -0.26 1.29
N ARG D 74 34.13 -0.14 1.21
CA ARG D 74 34.94 -1.26 0.76
C ARG D 74 34.88 -2.38 1.79
N GLY D 75 35.22 -3.59 1.35
CA GLY D 75 35.33 -4.70 2.27
C GLY D 75 34.03 -5.37 2.67
N GLY D 76 32.89 -4.93 2.14
CA GLY D 76 31.65 -5.61 2.43
C GLY D 76 31.56 -6.95 1.71
N MET D 77 30.90 -7.91 2.36
CA MET D 77 30.82 -9.27 1.83
C MET D 77 29.65 -9.42 0.87
N GLN D 78 29.94 -10.03 -0.28
CA GLN D 78 28.94 -10.42 -1.26
C GLN D 78 28.59 -11.88 -1.03
N ILE D 79 27.29 -12.19 -0.94
CA ILE D 79 26.82 -13.55 -0.84
C ILE D 79 25.79 -13.81 -1.92
N PHE D 80 25.45 -15.09 -2.10
CA PHE D 80 24.53 -15.52 -3.14
C PHE D 80 23.42 -16.36 -2.53
N VAL D 81 22.21 -16.21 -3.05
CA VAL D 81 21.04 -16.96 -2.61
C VAL D 81 20.47 -17.67 -3.83
N LYS D 82 20.50 -19.00 -3.82
CA LYS D 82 20.02 -19.80 -4.93
C LYS D 82 18.66 -20.40 -4.60
N THR D 83 17.70 -20.21 -5.50
CA THR D 83 16.36 -20.71 -5.30
C THR D 83 16.28 -22.19 -5.65
N LEU D 84 15.10 -22.78 -5.42
CA LEU D 84 14.89 -24.19 -5.73
C LEU D 84 15.11 -24.46 -7.22
N THR D 85 14.82 -23.47 -8.07
CA THR D 85 14.93 -23.63 -9.51
C THR D 85 16.34 -23.41 -10.04
N GLY D 86 17.25 -22.90 -9.20
CA GLY D 86 18.61 -22.62 -9.62
C GLY D 86 18.92 -21.16 -9.89
N LYS D 87 17.93 -20.28 -9.76
CA LYS D 87 18.17 -18.84 -9.94
C LYS D 87 19.09 -18.33 -8.84
N THR D 88 20.07 -17.52 -9.24
CA THR D 88 21.05 -16.96 -8.32
C THR D 88 20.70 -15.50 -8.03
N ILE D 89 20.56 -15.17 -6.76
CA ILE D 89 20.33 -13.80 -6.29
C ILE D 89 21.60 -13.33 -5.60
N THR D 90 22.00 -12.09 -5.88
CA THR D 90 23.24 -11.52 -5.36
C THR D 90 22.92 -10.42 -4.37
N LEU D 91 23.49 -10.53 -3.17
CA LEU D 91 23.22 -9.58 -2.09
C LEU D 91 24.52 -8.99 -1.56
N GLU D 92 24.43 -7.77 -1.04
CA GLU D 92 25.50 -7.12 -0.30
C GLU D 92 25.09 -7.07 1.16
N VAL D 93 25.91 -7.67 2.02
CA VAL D 93 25.59 -7.84 3.44
C VAL D 93 26.84 -7.59 4.26
N GLU D 94 26.65 -7.47 5.57
CA GLU D 94 27.73 -7.41 6.54
C GLU D 94 27.64 -8.61 7.48
N PRO D 95 28.76 -9.05 8.06
CA PRO D 95 28.70 -10.20 8.97
C PRO D 95 27.72 -10.01 10.12
N SER D 96 27.38 -8.77 10.48
CA SER D 96 26.46 -8.52 11.57
C SER D 96 25.00 -8.61 11.15
N ASP D 97 24.70 -8.62 9.86
CA ASP D 97 23.31 -8.70 9.42
C ASP D 97 22.67 -9.97 9.93
N THR D 98 21.44 -9.83 10.45
CA THR D 98 20.69 -10.99 10.90
C THR D 98 20.09 -11.72 9.70
N ILE D 99 19.66 -12.95 9.95
CA ILE D 99 18.99 -13.71 8.89
C ILE D 99 17.70 -13.01 8.48
N GLU D 100 17.03 -12.33 9.43
CA GLU D 100 15.85 -11.56 9.09
C GLU D 100 16.20 -10.45 8.12
N ASN D 101 17.26 -9.69 8.40
CA ASN D 101 17.68 -8.61 7.50
CA ASN D 101 17.66 -8.62 7.49
C ASN D 101 18.00 -9.17 6.11
N VAL D 102 18.60 -10.36 6.06
CA VAL D 102 18.92 -10.97 4.76
C VAL D 102 17.64 -11.29 4.01
N LYS D 103 16.63 -11.80 4.71
CA LYS D 103 15.35 -12.07 4.07
C LYS D 103 14.66 -10.79 3.61
N ALA D 104 14.87 -9.69 4.34
CA ALA D 104 14.33 -8.41 3.90
C ALA D 104 14.99 -7.93 2.61
N LYS D 105 16.30 -8.17 2.47
CA LYS D 105 16.97 -7.85 1.21
C LYS D 105 16.46 -8.73 0.09
N ILE D 106 16.21 -10.01 0.38
CA ILE D 106 15.65 -10.91 -0.63
C ILE D 106 14.29 -10.40 -1.09
N GLN D 107 13.49 -9.90 -0.15
CA GLN D 107 12.20 -9.33 -0.51
C GLN D 107 12.35 -8.18 -1.49
N ASP D 108 13.33 -7.31 -1.26
CA ASP D 108 13.50 -6.14 -2.11
C ASP D 108 13.88 -6.50 -3.54
N LYS D 109 14.42 -7.71 -3.77
CA LYS D 109 14.81 -8.13 -5.11
C LYS D 109 13.87 -9.14 -5.74
N GLU D 110 13.10 -9.88 -4.94
CA GLU D 110 12.23 -10.93 -5.46
C GLU D 110 10.75 -10.71 -5.18
N GLY D 111 10.40 -9.81 -4.27
CA GLY D 111 9.00 -9.56 -3.97
C GLY D 111 8.31 -10.67 -3.22
N ILE D 112 9.03 -11.37 -2.36
CA ILE D 112 8.49 -12.45 -1.54
C ILE D 112 8.65 -12.05 -0.08
N PRO D 113 7.59 -12.05 0.73
CA PRO D 113 7.73 -11.58 2.10
C PRO D 113 8.69 -12.46 2.88
N PRO D 114 9.41 -11.89 3.86
CA PRO D 114 10.35 -12.71 4.63
C PRO D 114 9.71 -13.90 5.32
N ASP D 115 8.51 -13.74 5.88
CA ASP D 115 7.86 -14.85 6.57
C ASP D 115 7.46 -15.97 5.62
N GLN D 116 7.69 -15.83 4.32
CA GLN D 116 7.44 -16.89 3.35
C GLN D 116 8.73 -17.50 2.81
N GLN D 117 9.85 -17.25 3.48
CA GLN D 117 11.17 -17.69 3.04
C GLN D 117 11.79 -18.63 4.05
N ARG D 118 12.43 -19.68 3.54
CA ARG D 118 13.33 -20.52 4.32
C ARG D 118 14.73 -20.39 3.75
N LEU D 119 15.72 -20.22 4.62
CA LEU D 119 17.12 -20.13 4.22
C LEU D 119 17.87 -21.30 4.81
N ILE D 120 18.68 -21.97 3.99
CA ILE D 120 19.43 -23.15 4.41
C ILE D 120 20.90 -22.93 4.07
N PHE D 121 21.77 -23.30 5.01
CA PHE D 121 23.22 -23.28 4.80
C PHE D 121 23.81 -24.46 5.55
N ALA D 122 24.67 -25.22 4.86
CA ALA D 122 25.28 -26.42 5.43
C ALA D 122 24.22 -27.42 5.87
N GLY D 123 23.19 -27.60 5.02
CA GLY D 123 22.14 -28.54 5.32
C GLY D 123 21.33 -28.21 6.57
N LYS D 124 21.43 -26.98 7.05
CA LYS D 124 20.74 -26.56 8.27
C LYS D 124 19.89 -25.34 7.97
N GLN D 125 18.67 -25.35 8.49
CA GLN D 125 17.79 -24.19 8.40
C GLN D 125 18.28 -23.09 9.33
N LEU D 126 18.19 -21.84 8.86
CA LEU D 126 18.76 -20.70 9.56
C LEU D 126 17.69 -19.95 10.35
N GLU D 127 18.04 -19.54 11.56
CA GLU D 127 17.14 -18.85 12.47
C GLU D 127 17.18 -17.34 12.23
N ASP D 128 16.03 -16.70 12.37
CA ASP D 128 15.92 -15.29 12.02
C ASP D 128 16.75 -14.38 12.91
N GLY D 129 16.89 -14.72 14.19
CA GLY D 129 17.56 -13.84 15.13
C GLY D 129 19.06 -13.91 15.15
N ARG D 130 19.65 -14.90 14.49
CA ARG D 130 21.10 -15.05 14.48
C ARG D 130 21.69 -14.31 13.28
N THR D 131 22.99 -14.03 13.38
CA THR D 131 23.71 -13.27 12.36
C THR D 131 24.41 -14.21 11.38
N LEU D 132 24.86 -13.63 10.26
CA LEU D 132 25.63 -14.40 9.29
C LEU D 132 26.93 -14.92 9.90
N SER D 133 27.58 -14.11 10.72
CA SER D 133 28.80 -14.56 11.38
C SER D 133 28.53 -15.72 12.33
N ASP D 134 27.36 -15.72 12.98
CA ASP D 134 27.02 -16.82 13.88
C ASP D 134 26.95 -18.15 13.15
N TYR D 135 26.72 -18.15 11.84
CA TYR D 135 26.70 -19.35 11.03
C TYR D 135 27.98 -19.53 10.22
N ASN D 136 28.98 -18.69 10.46
CA ASN D 136 30.25 -18.76 9.74
C ASN D 136 30.03 -18.67 8.23
N ILE D 137 29.11 -17.80 7.84
CA ILE D 137 28.84 -17.53 6.42
C ILE D 137 29.83 -16.49 5.95
N GLN D 138 30.65 -16.85 4.97
CA GLN D 138 31.79 -16.03 4.56
C GLN D 138 31.49 -15.32 3.25
N LYS D 139 32.49 -14.57 2.76
CA LYS D 139 32.37 -13.90 1.48
C LYS D 139 32.18 -14.92 0.36
N GLU D 140 31.28 -14.61 -0.56
CA GLU D 140 30.97 -15.44 -1.72
C GLU D 140 30.25 -16.72 -1.36
N SER D 141 29.88 -16.91 -0.09
CA SER D 141 29.12 -18.08 0.31
C SER D 141 27.76 -18.09 -0.40
N THR D 142 27.20 -19.29 -0.54
CA THR D 142 25.91 -19.49 -1.19
C THR D 142 24.91 -20.08 -0.19
N LEU D 143 23.82 -19.37 0.04
CA LEU D 143 22.68 -19.87 0.78
C LEU D 143 21.60 -20.34 -0.18
N HIS D 144 20.68 -21.16 0.33
CA HIS D 144 19.60 -21.74 -0.46
C HIS D 144 18.26 -21.22 0.06
N LEU D 145 17.42 -20.76 -0.86
CA LEU D 145 16.11 -20.22 -0.55
C LEU D 145 15.05 -21.23 -0.95
N VAL D 146 14.18 -21.58 0.01
CA VAL D 146 13.03 -22.44 -0.24
C VAL D 146 11.79 -21.67 0.17
N LEU D 147 10.84 -21.54 -0.75
CA LEU D 147 9.63 -20.79 -0.49
C LEU D 147 8.64 -21.62 0.31
N ARG D 148 7.86 -20.94 1.15
CA ARG D 148 6.82 -21.58 1.93
C ARG D 148 5.49 -21.50 1.18
N LEU D 149 4.81 -20.36 1.30
CA LEU D 149 3.57 -20.10 0.55
C LEU D 149 2.61 -21.28 0.65
N ARG D 150 2.40 -21.75 1.87
CA ARG D 150 1.55 -22.91 2.06
C ARG D 150 0.08 -22.55 1.78
N GLY D 151 -0.71 -23.58 1.48
CA GLY D 151 -2.11 -23.37 1.18
C GLY D 151 -2.86 -24.69 1.20
N GLY D 152 -4.17 -24.57 1.31
CA GLY D 152 -5.03 -25.75 1.35
C GLY D 152 -6.50 -25.41 1.14
#